data_9U6Q
#
_entry.id   9U6Q
#
_cell.length_a   1.00
_cell.length_b   1.00
_cell.length_c   1.00
_cell.angle_alpha   90.00
_cell.angle_beta   90.00
_cell.angle_gamma   90.00
#
_symmetry.space_group_name_H-M   'P 1'
#
loop_
_entity.id
_entity.type
_entity.pdbx_description
1 polymer 'V-type ATP synthase subunit I'
2 polymer 'V-type ATP synthase, subunit K'
#
loop_
_entity_poly.entity_id
_entity_poly.type
_entity_poly.pdbx_seq_one_letter_code
_entity_poly.pdbx_strand_id
1 'polypeptide(L)'
;HHEADRIPVVLDNPPWAKPFELLVSFLNTPKYGTFDPTPVVPVFFPFWFGMIVGDIGYALLFYLVGRWLSGYVKRNEPLV
IDLFALKLKPQVIGKLVHILNWMVFWTVVWGVIYGEFFGTFLEHLGVFGTPEHPGLIPILIHRIDTAKTANLLILLSVAF
GVVLVFFGLALRAYLGLKHRHMAHFWEGVGYLGGLVGVLALAASYLGNLQAGWLQGLMYLGFGVFLLAVLMSRIWLMIPE
IFTQAGHILSHIRIYAVGAAGGILAGLLTDVGFALAERLGLLGVLLGLLVAGVLHLLILLLTTLGHMLQPIRLLWVEFFT
KFGFYEENGRPYRPFKSVR
;
N
2 'polypeptide(L)' SGGLDRGLIAVGMGLAVGLAALGTGVAQARIGAAGVGAIAEDRSNFGTALIFLLLPETLVIFGLLIAFILNGRL O,P,Q,R,S,T,U,V,W,X,Y,Z
#
# COMPACT_ATOMS: atom_id res chain seq x y z
N HIS A 1 -17.91 24.94 41.37
CA HIS A 1 -17.08 25.53 40.32
C HIS A 1 -17.55 25.09 38.93
N HIS A 2 -18.84 24.78 38.82
CA HIS A 2 -19.40 24.31 37.56
C HIS A 2 -20.01 25.45 36.77
N GLU A 3 -19.45 26.66 36.92
CA GLU A 3 -19.96 27.84 36.24
C GLU A 3 -19.27 28.04 34.89
N ALA A 4 -19.35 27.00 34.06
CA ALA A 4 -18.91 27.02 32.67
C ALA A 4 -17.43 27.34 32.52
N ASP A 5 -17.00 27.57 31.28
CA ASP A 5 -15.62 27.91 30.99
C ASP A 5 -15.44 29.38 31.37
N ARG A 6 -15.07 29.64 32.62
CA ARG A 6 -14.90 31.00 33.09
C ARG A 6 -13.47 31.14 33.57
N ILE A 7 -13.00 30.14 34.32
CA ILE A 7 -11.74 30.21 35.05
C ILE A 7 -10.56 30.02 34.10
N PRO A 8 -9.61 30.96 34.06
CA PRO A 8 -8.36 30.71 33.34
C PRO A 8 -7.56 29.62 34.03
N VAL A 9 -6.84 28.84 33.24
CA VAL A 9 -6.15 27.65 33.73
C VAL A 9 -4.64 27.87 33.64
N VAL A 10 -3.96 27.67 34.75
CA VAL A 10 -2.49 27.70 34.80
C VAL A 10 -2.05 26.43 35.53
N LEU A 11 -0.84 25.97 35.24
CA LEU A 11 -0.34 24.71 35.76
C LEU A 11 0.94 24.92 36.54
N ASP A 12 1.10 24.14 37.62
CA ASP A 12 2.32 24.16 38.41
C ASP A 12 2.62 22.74 38.86
N ASN A 13 3.89 22.48 39.14
CA ASN A 13 4.38 21.13 39.42
C ASN A 13 5.51 21.21 40.43
N PRO A 14 5.89 20.09 41.03
CA PRO A 14 7.16 20.03 41.75
C PRO A 14 8.32 20.30 40.82
N PRO A 15 9.45 20.81 41.35
CA PRO A 15 10.52 21.32 40.48
C PRO A 15 11.10 20.32 39.49
N TRP A 16 11.02 19.02 39.79
CA TRP A 16 11.51 18.03 38.84
C TRP A 16 10.53 17.80 37.70
N ALA A 17 9.27 18.20 37.88
CA ALA A 17 8.25 17.88 36.87
C ALA A 17 7.97 19.07 35.94
N LYS A 18 8.59 20.22 36.20
CA LYS A 18 8.40 21.38 35.32
C LYS A 18 8.81 21.18 33.86
N PRO A 19 9.93 20.53 33.51
CA PRO A 19 10.31 20.46 32.09
C PRO A 19 9.31 19.77 31.18
N PHE A 20 8.48 18.86 31.71
CA PHE A 20 7.57 18.11 30.84
C PHE A 20 6.29 18.90 30.56
N GLU A 21 6.08 20.00 31.29
CA GLU A 21 4.97 20.89 30.94
C GLU A 21 5.16 21.52 29.58
N LEU A 22 6.40 21.66 29.12
CA LEU A 22 6.63 22.08 27.74
C LEU A 22 6.09 21.07 26.76
N LEU A 23 6.30 19.77 27.04
CA LEU A 23 5.80 18.73 26.13
C LEU A 23 4.28 18.66 26.14
N VAL A 24 3.66 18.75 27.32
CA VAL A 24 2.23 18.50 27.39
C VAL A 24 1.43 19.76 27.08
N SER A 25 2.03 20.94 27.23
CA SER A 25 1.27 22.18 27.26
C SER A 25 0.75 22.58 25.88
N PHE A 26 1.57 22.41 24.83
CA PHE A 26 1.24 22.99 23.54
C PHE A 26 0.12 22.25 22.81
N LEU A 27 -0.32 21.11 23.32
CA LEU A 27 -1.45 20.40 22.71
C LEU A 27 -2.74 21.16 22.94
N ASN A 28 -3.15 21.33 24.20
CA ASN A 28 -4.39 22.00 24.53
C ASN A 28 -4.31 22.47 25.98
N THR A 29 -5.13 23.46 26.29
CA THR A 29 -5.31 23.91 27.66
C THR A 29 -6.47 23.16 28.28
N PRO A 30 -6.26 22.43 29.38
CA PRO A 30 -7.36 21.65 29.95
C PRO A 30 -8.41 22.53 30.60
N LYS A 31 -9.63 21.99 30.68
CA LYS A 31 -10.69 22.66 31.43
C LYS A 31 -10.33 22.72 32.90
N TYR A 32 -10.73 23.81 33.56
CA TYR A 32 -10.52 23.93 34.99
C TYR A 32 -11.28 22.86 35.75
N GLY A 33 -10.63 22.30 36.77
CA GLY A 33 -11.18 21.18 37.51
C GLY A 33 -10.90 19.82 36.91
N THR A 34 -10.28 19.77 35.74
CA THR A 34 -9.93 18.51 35.11
C THR A 34 -8.53 18.08 35.54
N PHE A 35 -8.36 16.78 35.73
CA PHE A 35 -7.07 16.24 36.09
C PHE A 35 -6.05 16.49 34.98
N ASP A 36 -4.81 16.75 35.38
CA ASP A 36 -3.74 17.04 34.46
C ASP A 36 -2.75 15.89 34.44
N PRO A 37 -2.27 15.49 33.26
CA PRO A 37 -1.32 14.38 33.16
C PRO A 37 0.13 14.78 33.33
N THR A 38 0.40 15.97 33.86
CA THR A 38 1.77 16.47 33.93
C THR A 38 2.75 15.64 34.76
N PRO A 39 2.38 14.90 35.82
CA PRO A 39 3.41 14.09 36.50
C PRO A 39 3.65 12.72 35.87
N VAL A 40 2.84 12.31 34.90
CA VAL A 40 2.92 10.95 34.40
C VAL A 40 4.02 10.81 33.34
N VAL A 41 4.12 11.80 32.45
CA VAL A 41 5.17 11.77 31.43
C VAL A 41 6.59 11.78 31.99
N PRO A 42 6.92 12.49 33.11
CA PRO A 42 8.30 12.37 33.64
C PRO A 42 8.74 10.96 33.96
N VAL A 43 7.85 10.12 34.50
CA VAL A 43 8.26 8.78 34.89
C VAL A 43 8.16 7.84 33.69
N PHE A 44 7.17 8.04 32.81
CA PHE A 44 6.97 7.02 31.79
C PHE A 44 7.83 7.26 30.54
N PHE A 45 7.92 8.50 30.07
CA PHE A 45 8.52 8.75 28.75
C PHE A 45 10.00 8.39 28.66
N PRO A 46 10.92 8.87 29.52
CA PRO A 46 12.32 8.44 29.39
C PRO A 46 12.51 6.96 29.67
N PHE A 47 11.64 6.36 30.48
CA PHE A 47 11.67 4.91 30.72
C PHE A 47 11.49 4.15 29.41
N TRP A 48 10.43 4.49 28.67
CA TRP A 48 10.17 3.84 27.39
C TRP A 48 11.28 4.11 26.38
N PHE A 49 11.79 5.35 26.33
CA PHE A 49 12.88 5.64 25.40
C PHE A 49 14.11 4.81 25.75
N GLY A 50 14.35 4.60 27.05
CA GLY A 50 15.47 3.78 27.48
C GLY A 50 15.34 2.33 27.03
N MET A 51 14.16 1.74 27.22
CA MET A 51 14.00 0.36 26.73
C MET A 51 14.01 0.31 25.21
N ILE A 52 13.68 1.42 24.55
CA ILE A 52 13.73 1.45 23.08
C ILE A 52 15.17 1.42 22.59
N VAL A 53 16.00 2.34 23.07
CA VAL A 53 17.31 2.51 22.43
C VAL A 53 18.31 1.50 22.99
N GLY A 54 18.66 1.61 24.26
CA GLY A 54 19.59 0.70 24.89
C GLY A 54 21.00 0.71 24.33
N ASP A 55 21.37 1.76 23.59
CA ASP A 55 22.69 1.80 22.96
C ASP A 55 23.57 2.74 23.78
N ILE A 56 24.57 2.17 24.44
CA ILE A 56 25.47 2.89 25.34
C ILE A 56 26.29 3.94 24.56
N GLY A 57 26.78 3.57 23.39
CA GLY A 57 27.57 4.51 22.60
C GLY A 57 26.78 5.73 22.16
N TYR A 58 25.56 5.50 21.67
CA TYR A 58 24.73 6.63 21.28
C TYR A 58 24.27 7.43 22.49
N ALA A 59 24.14 6.77 23.65
CA ALA A 59 23.88 7.51 24.89
C ALA A 59 25.06 8.41 25.23
N LEU A 60 26.28 7.94 25.01
CA LEU A 60 27.47 8.77 25.25
C LEU A 60 27.51 9.95 24.29
N LEU A 61 27.16 9.72 23.02
CA LEU A 61 27.10 10.83 22.07
C LEU A 61 26.01 11.84 22.46
N PHE A 62 24.88 11.34 22.96
CA PHE A 62 23.85 12.24 23.47
C PHE A 62 24.33 13.03 24.67
N TYR A 63 25.15 12.40 25.52
CA TYR A 63 25.74 13.12 26.64
C TYR A 63 26.70 14.19 26.17
N LEU A 64 27.45 13.91 25.09
CA LEU A 64 28.32 14.92 24.50
C LEU A 64 27.51 16.09 23.96
N VAL A 65 26.39 15.79 23.30
CA VAL A 65 25.49 16.83 22.81
C VAL A 65 24.95 17.65 23.98
N GLY A 66 24.59 16.97 25.08
CA GLY A 66 24.12 17.68 26.25
C GLY A 66 25.19 18.57 26.86
N ARG A 67 26.44 18.12 26.82
CA ARG A 67 27.54 18.98 27.25
C ARG A 67 27.67 20.21 26.37
N TRP A 68 27.50 20.04 25.06
CA TRP A 68 27.51 21.17 24.13
C TRP A 68 26.40 22.16 24.45
N LEU A 69 25.20 21.66 24.71
CA LEU A 69 24.07 22.54 25.02
C LEU A 69 24.22 23.19 26.39
N SER A 70 24.83 22.51 27.36
CA SER A 70 25.05 23.13 28.66
C SER A 70 26.13 24.19 28.58
N GLY A 71 27.13 23.99 27.71
CA GLY A 71 28.07 25.08 27.43
C GLY A 71 27.38 26.26 26.79
N TYR A 72 26.42 25.97 25.89
CA TYR A 72 25.65 27.03 25.25
C TYR A 72 24.82 27.82 26.27
N VAL A 73 24.20 27.12 27.22
CA VAL A 73 23.41 27.81 28.22
C VAL A 73 24.30 28.51 29.24
N LYS A 74 25.53 28.02 29.43
CA LYS A 74 26.47 28.68 30.32
C LYS A 74 26.94 29.99 29.73
N ARG A 75 27.20 30.02 28.42
CA ARG A 75 27.59 31.27 27.78
C ARG A 75 26.39 32.20 27.60
N ASN A 76 25.18 31.68 27.76
CA ASN A 76 23.95 32.45 27.89
C ASN A 76 23.62 33.29 26.65
N GLU A 77 23.94 32.79 25.46
CA GLU A 77 23.49 33.43 24.25
C GLU A 77 22.43 32.57 23.58
N PRO A 78 21.49 33.16 22.83
CA PRO A 78 20.50 32.36 22.13
C PRO A 78 21.11 31.56 21.00
N LEU A 79 20.56 30.37 20.77
CA LEU A 79 20.97 29.51 19.67
C LEU A 79 20.02 29.77 18.50
N VAL A 80 20.58 30.06 17.34
CA VAL A 80 19.80 30.41 16.15
C VAL A 80 20.21 29.52 14.99
N ILE A 81 19.22 29.00 14.26
CA ILE A 81 19.43 28.27 13.02
C ILE A 81 18.43 28.85 12.03
N ASP A 82 18.93 29.68 11.10
CA ASP A 82 18.05 30.31 10.13
C ASP A 82 17.53 29.31 9.11
N LEU A 83 18.27 28.23 8.88
CA LEU A 83 17.85 27.23 7.91
C LEU A 83 16.58 26.52 8.35
N PHE A 84 16.49 26.17 9.63
CA PHE A 84 15.33 25.45 10.13
C PHE A 84 14.33 26.36 10.82
N ALA A 85 14.63 27.66 10.91
CA ALA A 85 13.75 28.66 11.54
C ALA A 85 13.42 28.33 12.99
N LEU A 86 14.45 28.10 13.81
CA LEU A 86 14.30 28.01 15.25
C LEU A 86 15.12 29.07 15.95
N LYS A 87 14.45 29.91 16.74
CA LYS A 87 15.12 30.79 17.71
C LYS A 87 14.68 30.33 19.09
N LEU A 88 15.64 29.97 19.94
CA LEU A 88 15.31 29.51 21.28
C LEU A 88 16.21 30.17 22.31
N LYS A 89 15.64 30.45 23.47
CA LYS A 89 16.30 31.15 24.58
C LYS A 89 17.02 30.12 25.45
N PRO A 90 17.99 30.54 26.28
CA PRO A 90 18.73 29.58 27.12
C PRO A 90 17.90 28.79 28.11
N GLN A 91 16.77 29.34 28.59
CA GLN A 91 15.99 28.58 29.56
C GLN A 91 15.39 27.32 28.94
N VAL A 92 14.93 27.41 27.69
CA VAL A 92 14.42 26.22 27.00
C VAL A 92 15.54 25.21 26.81
N ILE A 93 16.76 25.69 26.56
CA ILE A 93 17.93 24.82 26.49
C ILE A 93 18.15 24.10 27.81
N GLY A 94 17.95 24.80 28.93
CA GLY A 94 18.08 24.15 30.23
C GLY A 94 17.03 23.08 30.46
N LYS A 95 15.79 23.37 30.05
CA LYS A 95 14.73 22.38 30.18
C LYS A 95 15.05 21.15 29.34
N LEU A 96 15.56 21.37 28.13
CA LEU A 96 15.93 20.28 27.24
C LEU A 96 17.11 19.48 27.78
N VAL A 97 18.06 20.16 28.44
CA VAL A 97 19.20 19.44 28.98
C VAL A 97 18.77 18.59 30.17
N HIS A 98 17.78 19.06 30.94
CA HIS A 98 17.18 18.21 31.97
C HIS A 98 16.54 16.96 31.36
N ILE A 99 15.77 17.16 30.28
CA ILE A 99 15.18 16.02 29.57
C ILE A 99 16.25 15.03 29.11
N LEU A 100 17.31 15.52 28.47
CA LEU A 100 18.27 14.59 27.90
C LEU A 100 19.13 13.95 28.99
N ASN A 101 19.28 14.62 30.13
CA ASN A 101 19.97 14.01 31.26
C ASN A 101 19.19 12.80 31.78
N TRP A 102 17.90 12.97 32.04
CA TRP A 102 17.07 11.82 32.42
C TRP A 102 17.04 10.77 31.30
N MET A 103 17.06 11.25 30.06
CA MET A 103 16.97 10.40 28.89
C MET A 103 18.17 9.46 28.83
N VAL A 104 19.38 10.01 28.97
CA VAL A 104 20.58 9.20 28.88
C VAL A 104 20.75 8.36 30.14
N PHE A 105 20.19 8.80 31.28
CA PHE A 105 20.18 7.94 32.46
C PHE A 105 19.43 6.64 32.18
N TRP A 106 18.19 6.76 31.71
CA TRP A 106 17.43 5.56 31.40
C TRP A 106 18.03 4.77 30.26
N THR A 107 18.59 5.46 29.25
CA THR A 107 19.23 4.78 28.14
C THR A 107 20.43 3.97 28.61
N VAL A 108 21.23 4.54 29.51
CA VAL A 108 22.42 3.85 30.01
C VAL A 108 22.02 2.62 30.81
N VAL A 109 21.04 2.74 31.72
CA VAL A 109 20.72 1.57 32.54
C VAL A 109 20.11 0.46 31.69
N TRP A 110 19.20 0.82 30.76
CA TRP A 110 18.65 -0.20 29.87
C TRP A 110 19.71 -0.75 28.93
N GLY A 111 20.76 0.02 28.64
CA GLY A 111 21.84 -0.51 27.84
C GLY A 111 22.71 -1.52 28.58
N VAL A 112 22.96 -1.28 29.88
CA VAL A 112 23.76 -2.25 30.64
C VAL A 112 22.96 -3.52 30.87
N ILE A 113 21.62 -3.44 30.95
CA ILE A 113 20.85 -4.69 30.83
C ILE A 113 20.97 -5.26 29.41
N TYR A 114 20.94 -4.38 28.41
CA TYR A 114 21.16 -4.74 27.02
C TYR A 114 22.58 -4.46 26.57
N GLY A 115 23.55 -5.22 27.06
CA GLY A 115 24.98 -4.95 26.97
C GLY A 115 25.60 -4.60 25.63
N GLU A 116 24.86 -4.76 24.54
CA GLU A 116 25.34 -4.43 23.20
C GLU A 116 25.83 -2.98 23.11
N PHE A 117 27.08 -2.81 22.69
CA PHE A 117 27.73 -1.50 22.60
C PHE A 117 28.06 -1.25 21.13
N PHE A 118 27.38 -0.27 20.53
CA PHE A 118 27.40 -0.06 19.07
C PHE A 118 27.03 -1.34 18.33
N GLY A 119 26.11 -2.10 18.89
CA GLY A 119 25.78 -3.41 18.33
C GLY A 119 26.56 -4.51 19.02
N THR A 120 26.90 -5.56 18.28
CA THR A 120 27.64 -6.68 18.86
C THR A 120 29.04 -6.24 19.26
N PHE A 121 29.44 -6.62 20.48
CA PHE A 121 30.74 -6.20 21.00
C PHE A 121 31.46 -7.36 21.66
N LEU A 122 30.72 -8.44 21.95
CA LEU A 122 31.30 -9.57 22.67
C LEU A 122 32.29 -10.34 21.81
N GLU A 123 32.20 -10.22 20.49
CA GLU A 123 33.14 -10.91 19.62
C GLU A 123 34.54 -10.34 19.74
N HIS A 124 34.66 -9.04 19.96
CA HIS A 124 35.96 -8.40 20.13
C HIS A 124 36.41 -8.39 21.59
N LEU A 125 35.53 -7.99 22.50
CA LEU A 125 35.87 -7.89 23.92
C LEU A 125 34.88 -8.76 24.69
N GLY A 126 35.41 -9.76 25.41
CA GLY A 126 34.56 -10.71 26.10
C GLY A 126 34.12 -10.28 27.48
N VAL A 127 33.87 -8.99 27.67
CA VAL A 127 33.28 -8.54 28.93
C VAL A 127 31.84 -9.04 29.04
N PHE A 128 31.09 -9.00 27.94
CA PHE A 128 29.81 -9.65 27.84
C PHE A 128 29.98 -11.02 27.17
N GLY A 129 28.91 -11.82 27.20
CA GLY A 129 29.02 -13.14 26.64
C GLY A 129 27.67 -13.82 26.57
N THR A 130 27.70 -15.08 26.11
CA THR A 130 26.54 -15.94 25.95
C THR A 130 26.80 -17.24 26.69
N PRO A 131 25.80 -18.11 26.85
CA PRO A 131 26.10 -19.49 27.28
C PRO A 131 26.99 -20.21 26.27
N GLU A 132 26.92 -19.79 25.01
CA GLU A 132 27.76 -20.35 23.96
C GLU A 132 29.21 -19.89 24.07
N HIS A 133 29.43 -18.59 24.13
CA HIS A 133 30.78 -18.02 24.15
C HIS A 133 31.09 -17.48 25.55
N PRO A 134 32.16 -17.94 26.20
CA PRO A 134 32.42 -17.52 27.57
C PRO A 134 32.80 -16.04 27.66
N GLY A 135 32.49 -15.45 28.81
CA GLY A 135 32.79 -14.06 29.06
C GLY A 135 32.73 -13.78 30.54
N LEU A 136 32.99 -12.52 30.88
CA LEU A 136 32.92 -12.10 32.29
C LEU A 136 31.50 -12.20 32.83
N ILE A 137 30.52 -11.67 32.10
CA ILE A 137 29.11 -11.85 32.46
C ILE A 137 28.32 -12.18 31.21
N PRO A 138 27.33 -13.06 31.34
CA PRO A 138 26.42 -13.30 30.22
C PRO A 138 25.46 -12.12 30.05
N ILE A 139 24.97 -11.96 28.82
CA ILE A 139 23.95 -10.94 28.58
C ILE A 139 22.66 -11.35 29.27
N LEU A 140 22.14 -10.46 30.10
CA LEU A 140 20.97 -10.80 30.93
C LEU A 140 19.75 -11.09 30.07
N ILE A 141 19.49 -10.25 29.07
CA ILE A 141 18.45 -10.50 28.07
C ILE A 141 19.08 -10.25 26.71
N HIS A 142 19.43 -11.33 26.02
CA HIS A 142 20.04 -11.23 24.69
C HIS A 142 18.92 -10.90 23.71
N ARG A 143 18.82 -9.62 23.35
CA ARG A 143 17.76 -9.19 22.44
C ARG A 143 18.21 -9.32 21.00
N ILE A 144 18.74 -10.49 20.65
CA ILE A 144 19.00 -10.87 19.27
C ILE A 144 18.29 -12.20 19.03
N ASP A 145 18.44 -13.12 19.98
CA ASP A 145 17.78 -14.42 19.95
C ASP A 145 16.29 -14.23 20.26
N THR A 146 15.49 -14.22 19.20
CA THR A 146 14.05 -14.07 19.33
C THR A 146 13.34 -15.38 19.65
N ALA A 147 14.07 -16.47 19.82
CA ALA A 147 13.44 -17.76 20.11
C ALA A 147 12.80 -17.79 21.50
N LYS A 148 13.38 -17.11 22.47
CA LYS A 148 12.87 -17.18 23.85
C LYS A 148 12.59 -15.80 24.44
N THR A 149 13.41 -14.81 24.08
CA THR A 149 13.26 -13.49 24.69
C THR A 149 12.07 -12.74 24.14
N ALA A 150 11.65 -13.06 22.91
CA ALA A 150 10.61 -12.29 22.24
C ALA A 150 9.30 -12.37 22.98
N ASN A 151 8.92 -13.56 23.46
CA ASN A 151 7.67 -13.73 24.19
C ASN A 151 7.67 -12.92 25.48
N LEU A 152 8.77 -12.95 26.22
CA LEU A 152 8.87 -12.15 27.43
C LEU A 152 8.74 -10.66 27.12
N LEU A 153 9.39 -10.21 26.04
CA LEU A 153 9.37 -8.79 25.73
C LEU A 153 7.99 -8.31 25.28
N ILE A 154 7.25 -9.10 24.50
CA ILE A 154 5.89 -8.68 24.16
C ILE A 154 5.02 -8.72 25.41
N LEU A 155 5.36 -9.62 26.35
CA LEU A 155 4.62 -9.65 27.61
C LEU A 155 4.80 -8.34 28.40
N LEU A 156 6.04 -7.84 28.53
CA LEU A 156 6.18 -6.57 29.25
C LEU A 156 5.57 -5.41 28.47
N SER A 157 5.70 -5.42 27.14
CA SER A 157 5.11 -4.34 26.35
C SER A 157 3.59 -4.29 26.52
N VAL A 158 2.94 -5.45 26.45
CA VAL A 158 1.50 -5.50 26.64
C VAL A 158 1.14 -5.18 28.08
N ALA A 159 2.03 -5.48 29.04
CA ALA A 159 1.75 -5.14 30.43
C ALA A 159 1.75 -3.63 30.66
N PHE A 160 2.74 -2.95 30.08
CA PHE A 160 2.76 -1.49 30.11
C PHE A 160 1.48 -0.93 29.48
N GLY A 161 1.05 -1.56 28.37
CA GLY A 161 -0.20 -1.13 27.75
C GLY A 161 -1.40 -1.25 28.67
N VAL A 162 -1.55 -2.42 29.31
CA VAL A 162 -2.67 -2.61 30.25
C VAL A 162 -2.63 -1.56 31.35
N VAL A 163 -1.46 -1.37 31.98
CA VAL A 163 -1.38 -0.45 33.13
C VAL A 163 -1.79 0.96 32.71
N LEU A 164 -1.24 1.43 31.59
CA LEU A 164 -1.56 2.78 31.12
C LEU A 164 -3.06 2.91 30.83
N VAL A 165 -3.65 1.89 30.21
CA VAL A 165 -5.05 2.01 29.82
C VAL A 165 -5.99 2.01 31.03
N PHE A 166 -5.80 1.12 32.03
CA PHE A 166 -6.82 1.23 33.08
C PHE A 166 -6.53 2.43 33.96
N PHE A 167 -5.28 2.93 33.97
CA PHE A 167 -5.04 4.17 34.70
C PHE A 167 -5.82 5.32 34.09
N GLY A 168 -5.78 5.43 32.75
CA GLY A 168 -6.57 6.46 32.09
C GLY A 168 -8.06 6.28 32.27
N LEU A 169 -8.54 5.03 32.18
CA LEU A 169 -9.96 4.78 32.33
C LEU A 169 -10.44 5.03 33.76
N ALA A 170 -9.60 4.68 34.74
CA ALA A 170 -9.93 4.95 36.14
C ALA A 170 -9.98 6.45 36.42
N LEU A 171 -9.07 7.21 35.80
CA LEU A 171 -9.14 8.66 35.92
C LEU A 171 -10.44 9.20 35.33
N ARG A 172 -10.83 8.67 34.16
CA ARG A 172 -12.09 9.09 33.55
C ARG A 172 -13.29 8.78 34.45
N ALA A 173 -13.31 7.57 35.02
CA ALA A 173 -14.40 7.18 35.90
C ALA A 173 -14.42 8.02 37.17
N TYR A 174 -13.23 8.32 37.71
CA TYR A 174 -13.15 9.17 38.90
C TYR A 174 -13.70 10.55 38.63
N LEU A 175 -13.34 11.14 37.49
CA LEU A 175 -13.88 12.46 37.14
C LEU A 175 -15.38 12.41 36.92
N GLY A 176 -15.87 11.37 36.25
CA GLY A 176 -17.30 11.24 36.04
C GLY A 176 -18.08 11.10 37.33
N LEU A 177 -17.50 10.39 38.30
CA LEU A 177 -18.16 10.25 39.60
C LEU A 177 -18.11 11.55 40.39
N LYS A 178 -16.96 12.23 40.38
CA LYS A 178 -16.78 13.37 41.28
C LYS A 178 -17.49 14.61 40.76
N HIS A 179 -17.54 14.81 39.45
CA HIS A 179 -18.10 16.06 38.93
C HIS A 179 -19.59 15.93 38.65
N ARG A 180 -20.23 14.88 39.15
CA ARG A 180 -21.61 14.49 38.81
C ARG A 180 -21.79 14.37 37.30
N HIS A 181 -20.75 13.84 36.63
CA HIS A 181 -20.77 13.56 35.20
C HIS A 181 -21.13 12.09 35.05
N MET A 182 -22.08 11.65 35.88
CA MET A 182 -22.30 10.26 36.28
C MET A 182 -22.31 9.31 35.06
N ALA A 183 -22.81 9.79 33.92
CA ALA A 183 -22.81 9.00 32.69
C ALA A 183 -21.39 8.77 32.17
N HIS A 184 -20.49 9.74 32.36
CA HIS A 184 -19.09 9.51 31.98
C HIS A 184 -18.46 8.39 32.80
N PHE A 185 -18.77 8.34 34.10
CA PHE A 185 -18.33 7.22 34.91
C PHE A 185 -18.93 5.92 34.41
N TRP A 186 -20.19 5.95 33.96
CA TRP A 186 -20.80 4.76 33.40
C TRP A 186 -20.05 4.28 32.17
N GLU A 187 -19.68 5.21 31.29
CA GLU A 187 -18.90 4.85 30.10
C GLU A 187 -17.55 4.25 30.51
N GLY A 188 -16.91 4.86 31.51
CA GLY A 188 -15.62 4.35 31.95
C GLY A 188 -15.70 2.96 32.54
N VAL A 189 -16.69 2.72 33.39
CA VAL A 189 -16.82 1.41 34.03
C VAL A 189 -17.26 0.36 33.00
N GLY A 190 -18.03 0.76 31.99
CA GLY A 190 -18.33 -0.15 30.90
C GLY A 190 -17.09 -0.51 30.12
N TYR A 191 -16.20 0.46 29.91
CA TYR A 191 -14.92 0.18 29.26
C TYR A 191 -14.09 -0.79 30.09
N LEU A 192 -14.03 -0.59 31.41
CA LEU A 192 -13.25 -1.52 32.25
C LEU A 192 -13.82 -2.92 32.21
N GLY A 193 -15.15 -3.06 32.29
CA GLY A 193 -15.75 -4.38 32.25
C GLY A 193 -15.53 -5.08 30.92
N GLY A 194 -15.76 -4.37 29.81
CA GLY A 194 -15.52 -4.95 28.50
C GLY A 194 -14.06 -5.31 28.30
N LEU A 195 -13.16 -4.47 28.81
CA LEU A 195 -11.73 -4.70 28.61
C LEU A 195 -11.25 -5.92 29.39
N VAL A 196 -11.66 -6.05 30.66
CA VAL A 196 -11.25 -7.22 31.41
C VAL A 196 -11.87 -8.47 30.80
N GLY A 197 -13.09 -8.37 30.27
CA GLY A 197 -13.68 -9.50 29.58
C GLY A 197 -12.88 -9.95 28.38
N VAL A 198 -12.48 -9.00 27.53
CA VAL A 198 -11.80 -9.40 26.29
C VAL A 198 -10.39 -9.89 26.59
N LEU A 199 -9.72 -9.29 27.58
CA LEU A 199 -8.37 -9.77 27.87
C LEU A 199 -8.40 -11.17 28.50
N ALA A 200 -9.39 -11.43 29.36
CA ALA A 200 -9.53 -12.78 29.90
C ALA A 200 -9.87 -13.78 28.80
N LEU A 201 -10.75 -13.38 27.88
CA LEU A 201 -11.13 -14.27 26.79
C LEU A 201 -9.94 -14.56 25.88
N ALA A 202 -9.12 -13.54 25.60
CA ALA A 202 -7.94 -13.74 24.76
C ALA A 202 -6.91 -14.63 25.46
N ALA A 203 -6.71 -14.42 26.76
CA ALA A 203 -5.79 -15.28 27.51
C ALA A 203 -6.25 -16.73 27.51
N SER A 204 -7.57 -16.94 27.64
CA SER A 204 -8.10 -18.30 27.55
C SER A 204 -7.94 -18.86 26.14
N TYR A 205 -8.16 -18.03 25.12
CA TYR A 205 -8.12 -18.52 23.75
C TYR A 205 -6.68 -18.79 23.29
N LEU A 206 -5.70 -18.23 24.00
CA LEU A 206 -4.31 -18.41 23.57
C LEU A 206 -3.62 -19.52 24.34
N GLY A 207 -3.66 -19.48 25.67
CA GLY A 207 -2.86 -20.40 26.45
C GLY A 207 -3.54 -21.03 27.65
N ASN A 208 -4.84 -21.31 27.55
CA ASN A 208 -5.57 -21.89 28.66
C ASN A 208 -5.12 -23.31 28.95
N LEU A 209 -5.07 -23.64 30.23
CA LEU A 209 -4.92 -25.02 30.70
C LEU A 209 -6.08 -25.48 31.57
N GLN A 210 -6.90 -24.58 32.10
CA GLN A 210 -8.08 -24.94 32.87
C GLN A 210 -9.05 -23.76 32.83
N ALA A 211 -10.34 -24.07 32.96
CA ALA A 211 -11.34 -23.00 32.92
C ALA A 211 -11.37 -22.22 34.23
N GLY A 212 -11.75 -22.89 35.32
CA GLY A 212 -11.72 -22.29 36.64
C GLY A 212 -12.57 -21.04 36.78
N TRP A 213 -11.95 -19.98 37.31
CA TRP A 213 -12.65 -18.74 37.58
C TRP A 213 -12.83 -17.90 36.32
N LEU A 214 -12.15 -18.27 35.23
CA LEU A 214 -12.07 -17.41 34.05
C LEU A 214 -13.43 -17.22 33.40
N GLN A 215 -14.24 -18.28 33.32
CA GLN A 215 -15.55 -18.19 32.68
C GLN A 215 -16.43 -17.16 33.36
N GLY A 216 -16.54 -17.26 34.69
CA GLY A 216 -17.23 -16.23 35.44
C GLY A 216 -16.58 -14.87 35.29
N LEU A 217 -15.27 -14.84 35.08
CA LEU A 217 -14.59 -13.55 34.92
C LEU A 217 -15.05 -12.82 33.66
N MET A 218 -14.99 -13.47 32.49
CA MET A 218 -15.41 -12.70 31.31
C MET A 218 -16.92 -12.55 31.27
N TYR A 219 -17.67 -13.48 31.87
CA TYR A 219 -19.11 -13.29 31.93
C TYR A 219 -19.48 -12.07 32.75
N LEU A 220 -18.83 -11.87 33.91
CA LEU A 220 -19.05 -10.67 34.70
C LEU A 220 -18.61 -9.42 33.95
N GLY A 221 -17.48 -9.50 33.24
CA GLY A 221 -17.01 -8.34 32.49
C GLY A 221 -17.97 -7.92 31.40
N PHE A 222 -18.44 -8.89 30.60
CA PHE A 222 -19.40 -8.56 29.55
C PHE A 222 -20.73 -8.14 30.11
N GLY A 223 -21.16 -8.69 31.25
CA GLY A 223 -22.40 -8.24 31.87
C GLY A 223 -22.32 -6.80 32.33
N VAL A 224 -21.19 -6.43 32.96
CA VAL A 224 -20.98 -5.05 33.35
C VAL A 224 -21.00 -4.14 32.12
N PHE A 225 -20.34 -4.58 31.04
CA PHE A 225 -20.29 -3.78 29.82
C PHE A 225 -21.68 -3.56 29.24
N LEU A 226 -22.48 -4.62 29.11
CA LEU A 226 -23.76 -4.47 28.43
C LEU A 226 -24.75 -3.72 29.31
N LEU A 227 -24.64 -3.86 30.64
CA LEU A 227 -25.47 -3.06 31.53
C LEU A 227 -25.14 -1.59 31.41
N ALA A 228 -23.84 -1.25 31.43
CA ALA A 228 -23.41 0.14 31.36
C ALA A 228 -23.81 0.77 30.02
N VAL A 229 -23.74 -0.02 28.95
CA VAL A 229 -24.24 0.46 27.67
C VAL A 229 -25.76 0.63 27.71
N LEU A 230 -26.45 -0.30 28.37
CA LEU A 230 -27.91 -0.36 28.32
C LEU A 230 -28.54 0.84 28.99
N MET A 231 -28.17 1.15 30.24
CA MET A 231 -28.90 2.21 30.91
C MET A 231 -28.45 3.59 30.46
N SER A 232 -27.29 3.69 29.81
CA SER A 232 -26.77 4.96 29.35
C SER A 232 -27.47 5.46 28.08
N ARG A 233 -28.16 4.58 27.35
CA ARG A 233 -29.01 4.93 26.21
C ARG A 233 -28.23 5.50 25.02
N ILE A 234 -26.90 5.48 25.08
CA ILE A 234 -26.08 5.92 23.96
C ILE A 234 -25.50 4.68 23.28
N TRP A 235 -25.73 4.55 21.98
CA TRP A 235 -25.38 3.31 21.29
C TRP A 235 -24.05 3.40 20.55
N LEU A 236 -23.31 4.49 20.72
CA LEU A 236 -22.00 4.63 20.08
C LEU A 236 -20.93 3.79 20.75
N MET A 237 -21.25 3.13 21.86
CA MET A 237 -20.22 2.48 22.67
C MET A 237 -19.71 1.19 22.04
N ILE A 238 -20.43 0.66 21.04
CA ILE A 238 -20.17 -0.71 20.59
C ILE A 238 -18.90 -0.84 19.77
N PRO A 239 -18.68 -0.06 18.70
CA PRO A 239 -17.39 -0.20 17.99
C PRO A 239 -16.24 0.44 18.76
N GLU A 240 -16.58 1.32 19.69
CA GLU A 240 -15.57 2.04 20.47
C GLU A 240 -14.82 1.07 21.39
N ILE A 241 -15.42 -0.07 21.72
CA ILE A 241 -14.73 -1.05 22.55
C ILE A 241 -13.65 -1.79 21.75
N PHE A 242 -13.90 -2.09 20.47
CA PHE A 242 -12.81 -2.59 19.64
C PHE A 242 -11.78 -1.50 19.35
N THR A 243 -12.19 -0.24 19.37
CA THR A 243 -11.19 0.84 19.32
C THR A 243 -10.26 0.76 20.52
N GLN A 244 -10.81 0.58 21.73
CA GLN A 244 -9.96 0.34 22.90
C GLN A 244 -9.10 -0.90 22.74
N ALA A 245 -9.63 -1.97 22.15
CA ALA A 245 -8.83 -3.18 21.95
C ALA A 245 -7.61 -2.89 21.08
N GLY A 246 -7.81 -2.10 20.02
CA GLY A 246 -6.68 -1.62 19.23
C GLY A 246 -5.70 -0.82 20.07
N HIS A 247 -6.22 0.03 20.96
CA HIS A 247 -5.31 0.78 21.84
C HIS A 247 -4.53 -0.13 22.78
N ILE A 248 -5.11 -1.24 23.23
CA ILE A 248 -4.36 -2.19 24.05
C ILE A 248 -3.22 -2.80 23.25
N LEU A 249 -3.54 -3.32 22.07
CA LEU A 249 -2.50 -4.06 21.34
C LEU A 249 -1.62 -3.14 20.49
N SER A 250 -1.76 -1.82 20.65
CA SER A 250 -0.90 -0.90 19.92
C SER A 250 0.47 -0.73 20.57
N HIS A 251 0.72 -1.40 21.69
CA HIS A 251 1.90 -1.10 22.51
C HIS A 251 3.13 -1.94 22.19
N ILE A 252 3.09 -2.71 21.09
CA ILE A 252 4.22 -3.58 20.75
C ILE A 252 5.32 -2.80 20.05
N ARG A 253 5.04 -1.54 19.72
CA ARG A 253 5.97 -0.76 18.89
C ARG A 253 7.29 -0.51 19.58
N ILE A 254 7.31 -0.46 20.92
CA ILE A 254 8.55 -0.22 21.64
C ILE A 254 9.53 -1.39 21.44
N TYR A 255 9.04 -2.62 21.65
CA TYR A 255 9.86 -3.79 21.37
C TYR A 255 10.25 -3.83 19.90
N ALA A 256 9.33 -3.48 19.00
CA ALA A 256 9.63 -3.57 17.58
C ALA A 256 10.76 -2.61 17.18
N VAL A 257 10.68 -1.35 17.60
CA VAL A 257 11.74 -0.40 17.25
C VAL A 257 13.04 -0.78 17.93
N GLY A 258 12.99 -1.26 19.18
CA GLY A 258 14.22 -1.66 19.85
C GLY A 258 14.93 -2.79 19.14
N ALA A 259 14.17 -3.84 18.76
CA ALA A 259 14.75 -4.97 18.06
C ALA A 259 15.32 -4.55 16.72
N ALA A 260 14.58 -3.71 15.98
CA ALA A 260 15.06 -3.27 14.67
C ALA A 260 16.36 -2.49 14.78
N GLY A 261 16.40 -1.51 15.67
CA GLY A 261 17.60 -0.69 15.81
C GLY A 261 18.80 -1.48 16.31
N GLY A 262 18.57 -2.33 17.31
CA GLY A 262 19.67 -3.11 17.85
C GLY A 262 20.23 -4.11 16.85
N ILE A 263 19.35 -4.76 16.07
CA ILE A 263 19.82 -5.72 15.10
C ILE A 263 20.53 -5.02 13.93
N LEU A 264 20.07 -3.82 13.56
CA LEU A 264 20.79 -3.04 12.56
C LEU A 264 22.19 -2.68 13.03
N ALA A 265 22.31 -2.22 14.28
CA ALA A 265 23.62 -1.88 14.82
C ALA A 265 24.51 -3.12 14.93
N GLY A 266 23.92 -4.24 15.32
CA GLY A 266 24.69 -5.48 15.39
C GLY A 266 25.19 -5.93 14.04
N LEU A 267 24.38 -5.77 13.00
CA LEU A 267 24.83 -6.11 11.64
C LEU A 267 25.96 -5.18 11.20
N LEU A 268 25.85 -3.89 11.52
CA LEU A 268 26.92 -2.95 11.17
C LEU A 268 28.23 -3.34 11.84
N THR A 269 28.18 -3.65 13.14
CA THR A 269 29.41 -3.99 13.85
C THR A 269 29.91 -5.38 13.46
N ASP A 270 29.00 -6.27 13.05
CA ASP A 270 29.44 -7.56 12.52
C ASP A 270 30.16 -7.40 11.20
N VAL A 271 29.70 -6.46 10.36
CA VAL A 271 30.42 -6.13 9.13
C VAL A 271 31.80 -5.58 9.46
N GLY A 272 31.88 -4.71 10.46
CA GLY A 272 33.19 -4.18 10.87
C GLY A 272 34.13 -5.27 11.37
N PHE A 273 33.62 -6.17 12.21
CA PHE A 273 34.43 -7.26 12.73
C PHE A 273 34.85 -8.24 11.63
N ALA A 274 33.95 -8.51 10.68
CA ALA A 274 34.32 -9.38 9.55
C ALA A 274 35.37 -8.73 8.68
N LEU A 275 35.29 -7.41 8.49
CA LEU A 275 36.33 -6.71 7.73
C LEU A 275 37.66 -6.77 8.46
N ALA A 276 37.64 -6.64 9.79
CA ALA A 276 38.86 -6.74 10.57
C ALA A 276 39.46 -8.15 10.49
N GLU A 277 38.61 -9.18 10.57
CA GLU A 277 39.11 -10.55 10.62
C GLU A 277 39.59 -11.03 9.25
N ARG A 278 38.83 -10.73 8.19
CA ARG A 278 39.11 -11.31 6.88
C ARG A 278 40.37 -10.71 6.26
N LEU A 279 40.50 -9.38 6.31
CA LEU A 279 41.59 -8.71 5.62
C LEU A 279 42.93 -8.84 6.33
N GLY A 280 42.94 -9.25 7.60
CA GLY A 280 44.19 -9.45 8.30
C GLY A 280 44.58 -8.30 9.22
N LEU A 281 45.85 -7.91 9.17
CA LEU A 281 46.36 -6.88 10.06
C LEU A 281 45.80 -5.50 9.72
N LEU A 282 45.70 -5.18 8.42
CA LEU A 282 45.35 -3.84 8.00
C LEU A 282 43.85 -3.61 7.91
N GLY A 283 43.03 -4.66 8.03
CA GLY A 283 41.62 -4.51 7.80
C GLY A 283 40.89 -3.76 8.89
N VAL A 284 41.51 -3.65 10.08
CA VAL A 284 40.85 -3.01 11.20
C VAL A 284 40.63 -1.51 10.95
N LEU A 285 41.56 -0.86 10.23
CA LEU A 285 41.42 0.56 9.95
C LEU A 285 40.20 0.85 9.07
N LEU A 286 40.10 0.13 7.95
CA LEU A 286 38.95 0.31 7.06
C LEU A 286 37.66 -0.12 7.75
N GLY A 287 37.71 -1.20 8.53
CA GLY A 287 36.54 -1.65 9.26
C GLY A 287 36.02 -0.61 10.23
N LEU A 288 36.92 -0.02 11.02
CA LEU A 288 36.51 1.02 11.95
C LEU A 288 35.99 2.26 11.24
N LEU A 289 36.63 2.65 10.13
CA LEU A 289 36.19 3.81 9.37
C LEU A 289 34.76 3.62 8.84
N VAL A 290 34.52 2.48 8.18
CA VAL A 290 33.19 2.25 7.62
C VAL A 290 32.16 2.06 8.73
N ALA A 291 32.54 1.41 9.83
CA ALA A 291 31.62 1.23 10.94
C ALA A 291 31.18 2.57 11.51
N GLY A 292 32.14 3.47 11.74
CA GLY A 292 31.80 4.78 12.26
C GLY A 292 30.92 5.58 11.32
N VAL A 293 31.23 5.56 10.01
CA VAL A 293 30.47 6.40 9.10
C VAL A 293 29.04 5.88 8.93
N LEU A 294 28.86 4.57 8.75
CA LEU A 294 27.48 4.08 8.63
C LEU A 294 26.74 4.19 9.96
N HIS A 295 27.46 4.11 11.09
CA HIS A 295 26.81 4.36 12.37
C HIS A 295 26.28 5.78 12.46
N LEU A 296 27.04 6.76 11.95
CA LEU A 296 26.55 8.13 12.03
C LEU A 296 25.37 8.35 11.09
N LEU A 297 25.43 7.84 9.84
CA LEU A 297 24.28 8.00 8.96
C LEU A 297 23.03 7.35 9.53
N ILE A 298 23.16 6.13 10.07
CA ILE A 298 21.97 5.50 10.62
C ILE A 298 21.47 6.23 11.86
N LEU A 299 22.35 6.88 12.65
CA LEU A 299 21.80 7.53 13.82
C LEU A 299 21.02 8.78 13.44
N LEU A 300 21.55 9.62 12.53
CA LEU A 300 20.75 10.80 12.20
C LEU A 300 19.53 10.41 11.37
N LEU A 301 19.52 9.21 10.81
CA LEU A 301 18.30 8.72 10.17
C LEU A 301 17.26 8.26 11.19
N THR A 302 17.69 7.57 12.25
CA THR A 302 16.72 6.79 13.02
C THR A 302 16.35 7.42 14.36
N THR A 303 17.14 8.36 14.88
CA THR A 303 16.88 8.86 16.24
C THR A 303 15.60 9.68 16.31
N LEU A 304 15.07 10.15 15.18
CA LEU A 304 13.84 10.91 15.22
C LEU A 304 12.63 10.02 15.53
N GLY A 305 12.49 8.92 14.80
CA GLY A 305 11.35 8.04 15.02
C GLY A 305 11.40 7.34 16.37
N HIS A 306 12.61 6.93 16.78
CA HIS A 306 12.78 6.31 18.09
C HIS A 306 12.37 7.26 19.20
N MET A 307 12.63 8.55 19.02
CA MET A 307 12.16 9.54 19.98
C MET A 307 10.65 9.72 19.88
N LEU A 308 10.10 9.60 18.67
CA LEU A 308 8.68 9.93 18.48
C LEU A 308 7.75 8.87 19.04
N GLN A 309 8.08 7.58 18.88
CA GLN A 309 7.13 6.53 19.27
C GLN A 309 6.63 6.60 20.72
N PRO A 310 7.47 6.76 21.75
CA PRO A 310 6.90 6.76 23.11
C PRO A 310 6.09 8.00 23.43
N ILE A 311 6.54 9.18 22.99
CA ILE A 311 5.79 10.39 23.29
C ILE A 311 4.48 10.37 22.50
N ARG A 312 4.49 9.78 21.30
CA ARG A 312 3.24 9.54 20.57
C ARG A 312 2.32 8.62 21.36
N LEU A 313 2.87 7.55 21.93
CA LEU A 313 2.06 6.61 22.71
C LEU A 313 1.41 7.30 23.89
N LEU A 314 2.13 8.23 24.52
CA LEU A 314 1.52 9.07 25.55
C LEU A 314 0.47 10.01 24.98
N TRP A 315 0.72 10.55 23.78
CA TRP A 315 -0.15 11.59 23.24
C TRP A 315 -1.50 11.03 22.81
N VAL A 316 -1.51 10.11 21.85
CA VAL A 316 -2.79 9.72 21.25
C VAL A 316 -3.62 8.91 22.24
N GLU A 317 -2.98 8.03 23.01
CA GLU A 317 -3.73 7.06 23.78
C GLU A 317 -4.20 7.65 25.11
N PHE A 318 -3.24 7.95 26.00
CA PHE A 318 -3.55 8.29 27.38
C PHE A 318 -4.40 9.53 27.49
N PHE A 319 -4.07 10.56 26.71
CA PHE A 319 -4.81 11.81 26.82
C PHE A 319 -6.22 11.67 26.30
N THR A 320 -6.46 10.71 25.40
CA THR A 320 -7.81 10.49 24.89
C THR A 320 -8.65 9.62 25.82
N LYS A 321 -8.03 8.73 26.61
CA LYS A 321 -8.81 7.99 27.60
C LYS A 321 -9.51 8.92 28.60
N PHE A 322 -8.78 9.82 29.25
CA PHE A 322 -9.43 10.55 30.34
C PHE A 322 -10.19 11.78 29.85
N GLY A 323 -9.90 12.28 28.67
CA GLY A 323 -10.68 13.41 28.18
C GLY A 323 -9.95 14.72 27.98
N PHE A 324 -8.70 14.66 27.52
CA PHE A 324 -7.89 15.88 27.39
C PHE A 324 -8.42 16.81 26.29
N TYR A 325 -8.92 16.26 25.18
CA TYR A 325 -9.00 17.04 23.95
C TYR A 325 -10.37 17.66 23.68
N GLU A 326 -11.47 17.13 24.21
CA GLU A 326 -12.78 17.40 23.62
C GLU A 326 -13.24 18.84 23.85
N GLU A 327 -12.68 19.56 24.81
CA GLU A 327 -12.88 21.00 24.86
C GLU A 327 -11.57 21.68 25.17
N ASN A 328 -11.45 22.93 24.73
CA ASN A 328 -10.30 23.75 25.08
C ASN A 328 -10.60 24.58 26.32
N GLY A 329 -9.58 24.75 27.16
CA GLY A 329 -9.69 25.63 28.31
C GLY A 329 -9.11 27.00 27.98
N ARG A 330 -9.60 28.01 28.68
CA ARG A 330 -9.09 29.36 28.47
C ARG A 330 -7.71 29.48 29.13
N PRO A 331 -6.69 29.94 28.41
CA PRO A 331 -5.35 30.03 29.00
C PRO A 331 -5.25 31.18 29.99
N TYR A 332 -4.30 31.04 30.91
CA TYR A 332 -4.06 32.09 31.89
C TYR A 332 -3.09 33.12 31.33
N ARG A 333 -3.40 34.40 31.55
CA ARG A 333 -2.52 35.49 31.15
C ARG A 333 -2.72 36.67 32.10
N PRO A 334 -1.67 37.06 32.81
CA PRO A 334 -1.81 38.21 33.73
C PRO A 334 -1.53 39.53 33.04
N PHE A 335 -2.17 40.58 33.55
CA PHE A 335 -1.92 41.94 33.10
C PHE A 335 -0.73 42.48 33.88
N LYS A 336 0.46 42.21 33.37
CA LYS A 336 1.70 42.59 34.04
C LYS A 336 2.69 43.12 33.02
N SER A 337 3.83 43.59 33.52
CA SER A 337 4.78 44.32 32.70
C SER A 337 5.43 43.42 31.65
N VAL A 338 5.78 44.04 30.52
CA VAL A 338 6.43 43.32 29.43
C VAL A 338 7.91 43.11 29.72
N ARG A 339 8.56 44.08 30.36
CA ARG A 339 9.99 44.05 30.69
C ARG A 339 10.86 43.93 29.45
N GLY B 2 -1.68 -34.67 5.36
CA GLY B 2 -0.62 -33.72 5.08
C GLY B 2 -0.91 -32.33 5.63
N GLY B 3 0.16 -31.57 5.88
CA GLY B 3 0.00 -30.23 6.39
C GLY B 3 -0.34 -29.20 5.33
N LEU B 4 -0.36 -29.63 4.06
CA LEU B 4 -0.75 -28.74 2.97
C LEU B 4 -2.17 -28.23 3.16
N ASP B 5 -3.05 -29.08 3.69
CA ASP B 5 -4.41 -28.66 4.05
C ASP B 5 -4.39 -27.49 5.01
N ARG B 6 -3.65 -27.63 6.11
CA ARG B 6 -3.59 -26.59 7.14
C ARG B 6 -3.00 -25.31 6.58
N GLY B 7 -1.94 -25.42 5.79
CA GLY B 7 -1.33 -24.24 5.19
C GLY B 7 -2.28 -23.54 4.23
N LEU B 8 -3.07 -24.31 3.48
CA LEU B 8 -4.06 -23.71 2.59
C LEU B 8 -5.14 -22.97 3.36
N ILE B 9 -5.62 -23.55 4.48
CA ILE B 9 -6.59 -22.84 5.31
C ILE B 9 -5.99 -21.53 5.82
N ALA B 10 -4.71 -21.57 6.20
CA ALA B 10 -4.07 -20.38 6.74
C ALA B 10 -3.92 -19.28 5.69
N VAL B 11 -3.47 -19.65 4.48
CA VAL B 11 -3.31 -18.61 3.46
C VAL B 11 -4.67 -18.07 3.05
N GLY B 12 -5.70 -18.92 3.03
CA GLY B 12 -7.03 -18.45 2.71
C GLY B 12 -7.53 -17.42 3.70
N MET B 13 -7.43 -17.72 5.01
CA MET B 13 -7.91 -16.75 6.00
C MET B 13 -7.08 -15.47 5.99
N GLY B 14 -5.75 -15.60 5.84
CA GLY B 14 -4.90 -14.42 5.83
C GLY B 14 -5.20 -13.51 4.66
N LEU B 15 -5.33 -14.07 3.46
CA LEU B 15 -5.59 -13.25 2.29
C LEU B 15 -7.00 -12.66 2.35
N ALA B 16 -7.95 -13.41 2.94
CA ALA B 16 -9.30 -12.88 3.09
C ALA B 16 -9.32 -11.62 3.96
N VAL B 17 -8.73 -11.71 5.14
CA VAL B 17 -8.70 -10.53 6.02
C VAL B 17 -7.84 -9.44 5.40
N GLY B 18 -6.84 -9.79 4.59
CA GLY B 18 -6.02 -8.78 3.95
C GLY B 18 -6.79 -7.94 2.95
N LEU B 19 -7.51 -8.58 2.03
CA LEU B 19 -8.30 -7.82 1.08
C LEU B 19 -9.45 -7.08 1.76
N ALA B 20 -10.04 -7.66 2.81
CA ALA B 20 -11.09 -6.96 3.53
C ALA B 20 -10.56 -5.67 4.16
N ALA B 21 -9.40 -5.77 4.82
CA ALA B 21 -8.80 -4.60 5.46
C ALA B 21 -8.41 -3.54 4.43
N LEU B 22 -7.87 -3.96 3.30
CA LEU B 22 -7.43 -2.96 2.33
C LEU B 22 -8.62 -2.28 1.66
N GLY B 23 -9.71 -3.03 1.45
CA GLY B 23 -10.92 -2.42 0.92
C GLY B 23 -11.53 -1.41 1.87
N THR B 24 -11.62 -1.75 3.15
CA THR B 24 -12.16 -0.76 4.08
C THR B 24 -11.19 0.42 4.24
N GLY B 25 -9.89 0.20 4.02
CA GLY B 25 -8.95 1.31 4.05
C GLY B 25 -9.15 2.29 2.92
N VAL B 26 -9.32 1.78 1.69
CA VAL B 26 -9.51 2.69 0.56
C VAL B 26 -10.85 3.40 0.68
N ALA B 27 -11.85 2.76 1.29
CA ALA B 27 -13.08 3.47 1.60
C ALA B 27 -12.84 4.60 2.60
N GLN B 28 -12.21 4.27 3.75
CA GLN B 28 -12.06 5.24 4.83
C GLN B 28 -11.18 6.42 4.44
N ALA B 29 -10.30 6.24 3.44
CA ALA B 29 -9.47 7.34 2.98
C ALA B 29 -10.31 8.53 2.54
N ARG B 30 -11.11 8.36 1.49
CA ARG B 30 -11.95 9.44 1.00
C ARG B 30 -13.01 9.81 2.02
N ILE B 31 -13.52 8.82 2.76
CA ILE B 31 -14.58 9.11 3.73
C ILE B 31 -14.09 10.10 4.77
N GLY B 32 -12.95 9.80 5.39
CA GLY B 32 -12.43 10.68 6.43
C GLY B 32 -11.84 11.96 5.88
N ALA B 33 -11.42 11.96 4.60
CA ALA B 33 -11.00 13.22 4.00
C ALA B 33 -12.16 14.21 3.92
N ALA B 34 -13.30 13.76 3.42
CA ALA B 34 -14.49 14.61 3.40
C ALA B 34 -14.93 14.98 4.82
N GLY B 35 -14.80 14.02 5.76
CA GLY B 35 -15.15 14.31 7.14
C GLY B 35 -14.28 15.39 7.76
N VAL B 36 -12.97 15.34 7.50
CA VAL B 36 -12.05 16.35 8.00
C VAL B 36 -12.37 17.71 7.41
N GLY B 37 -12.69 17.75 6.11
CA GLY B 37 -13.11 19.02 5.52
C GLY B 37 -14.34 19.61 6.20
N ALA B 38 -15.36 18.78 6.40
CA ALA B 38 -16.58 19.24 7.06
C ALA B 38 -16.32 19.68 8.50
N ILE B 39 -15.45 18.97 9.21
CA ILE B 39 -15.17 19.32 10.60
C ILE B 39 -14.40 20.63 10.68
N ALA B 40 -13.39 20.80 9.83
CA ALA B 40 -12.63 22.05 9.80
C ALA B 40 -13.52 23.23 9.42
N GLU B 41 -14.57 22.98 8.63
CA GLU B 41 -15.49 24.07 8.31
C GLU B 41 -16.46 24.33 9.46
N ASP B 42 -16.88 23.30 10.20
CA ASP B 42 -18.00 23.49 11.11
C ASP B 42 -17.66 23.26 12.58
N ARG B 43 -16.89 22.21 12.89
CA ARG B 43 -16.59 21.74 14.25
C ARG B 43 -17.81 21.20 15.00
N SER B 44 -18.98 21.15 14.35
CA SER B 44 -20.16 20.67 15.07
C SER B 44 -20.80 19.46 14.39
N ASN B 45 -20.31 19.08 13.21
CA ASN B 45 -20.84 17.90 12.53
C ASN B 45 -20.13 16.62 12.94
N PHE B 46 -19.54 16.59 14.14
CA PHE B 46 -18.62 15.51 14.49
C PHE B 46 -19.34 14.17 14.63
N GLY B 47 -20.59 14.17 15.11
CA GLY B 47 -21.33 12.92 15.21
C GLY B 47 -21.62 12.31 13.86
N THR B 48 -22.12 13.12 12.92
CA THR B 48 -22.35 12.64 11.56
C THR B 48 -21.05 12.19 10.92
N ALA B 49 -19.97 12.95 11.16
CA ALA B 49 -18.67 12.59 10.62
C ALA B 49 -18.20 11.24 11.13
N LEU B 50 -18.34 10.97 12.43
CA LEU B 50 -17.75 9.73 12.94
C LEU B 50 -18.63 8.54 12.58
N ILE B 51 -19.95 8.71 12.49
CA ILE B 51 -20.76 7.57 12.08
C ILE B 51 -20.51 7.24 10.61
N PHE B 52 -20.39 8.28 9.77
CA PHE B 52 -20.09 8.04 8.36
C PHE B 52 -18.71 7.42 8.17
N LEU B 53 -17.74 7.84 8.99
CA LEU B 53 -16.40 7.29 8.88
C LEU B 53 -16.31 5.89 9.46
N LEU B 54 -17.16 5.57 10.44
CA LEU B 54 -17.04 4.32 11.16
C LEU B 54 -17.87 3.21 10.53
N LEU B 55 -18.89 3.57 9.75
CA LEU B 55 -19.76 2.57 9.13
C LEU B 55 -19.03 1.49 8.30
N PRO B 56 -17.87 1.70 7.69
CA PRO B 56 -17.23 0.59 6.95
C PRO B 56 -16.48 -0.43 7.82
N GLU B 57 -16.76 -0.57 9.11
CA GLU B 57 -16.19 -1.68 9.87
C GLU B 57 -16.82 -3.01 9.46
N THR B 58 -17.87 -2.97 8.64
CA THR B 58 -18.50 -4.18 8.15
C THR B 58 -17.52 -5.10 7.44
N LEU B 59 -16.88 -4.61 6.36
CA LEU B 59 -16.01 -5.44 5.53
C LEU B 59 -15.02 -6.22 6.38
N VAL B 60 -14.42 -5.57 7.38
CA VAL B 60 -13.50 -6.29 8.23
C VAL B 60 -14.21 -7.24 9.19
N ILE B 61 -15.47 -6.95 9.60
CA ILE B 61 -15.94 -7.95 10.59
C ILE B 61 -16.41 -9.21 9.86
N PHE B 62 -16.89 -9.10 8.61
CA PHE B 62 -17.04 -10.36 7.86
C PHE B 62 -15.69 -11.01 7.57
N GLY B 63 -14.65 -10.21 7.34
CA GLY B 63 -13.33 -10.81 7.17
C GLY B 63 -12.89 -11.63 8.38
N LEU B 64 -13.04 -11.06 9.57
CA LEU B 64 -12.65 -11.79 10.78
C LEU B 64 -13.58 -12.96 11.08
N LEU B 65 -14.87 -12.88 10.74
CA LEU B 65 -15.72 -14.02 11.03
C LEU B 65 -15.46 -15.17 10.04
N ILE B 66 -15.10 -14.84 8.79
CA ILE B 66 -14.57 -15.85 7.88
C ILE B 66 -13.30 -16.48 8.46
N ALA B 67 -12.38 -15.66 8.95
CA ALA B 67 -11.13 -16.19 9.51
C ALA B 67 -11.40 -17.09 10.70
N PHE B 68 -12.34 -16.71 11.56
CA PHE B 68 -12.68 -17.53 12.71
C PHE B 68 -13.37 -18.83 12.28
N ILE B 69 -14.18 -18.79 11.23
CA ILE B 69 -14.83 -20.01 10.74
C ILE B 69 -13.80 -21.02 10.27
N LEU B 70 -12.87 -20.58 9.42
CA LEU B 70 -11.85 -21.52 8.96
C LEU B 70 -10.86 -21.89 10.07
N ASN B 71 -10.68 -21.02 11.06
CA ASN B 71 -9.86 -21.39 12.21
C ASN B 71 -10.50 -22.50 13.03
N GLY B 72 -11.82 -22.41 13.23
CA GLY B 72 -12.54 -23.48 13.89
C GLY B 72 -12.56 -24.76 13.07
N ARG B 73 -12.65 -24.64 11.75
CA ARG B 73 -12.59 -25.82 10.89
C ARG B 73 -11.20 -26.46 10.94
N LEU B 74 -10.16 -25.67 11.18
CA LEU B 74 -8.82 -26.21 11.35
C LEU B 74 -8.74 -26.94 12.68
N GLY C 2 -11.13 -35.92 3.53
CA GLY C 2 -10.49 -35.05 2.58
C GLY C 2 -9.29 -34.32 3.17
N GLY C 3 -8.21 -34.23 2.39
CA GLY C 3 -7.01 -33.55 2.83
C GLY C 3 -6.84 -32.17 2.23
N LEU C 4 -5.98 -32.08 1.20
CA LEU C 4 -5.69 -30.80 0.56
C LEU C 4 -6.92 -30.19 -0.09
N ASP C 5 -7.92 -31.03 -0.40
CA ASP C 5 -9.17 -30.57 -1.00
C ASP C 5 -9.84 -29.52 -0.12
N ARG C 6 -9.97 -29.80 1.18
CA ARG C 6 -10.68 -28.91 2.09
C ARG C 6 -9.95 -27.57 2.22
N GLY C 7 -8.61 -27.61 2.27
CA GLY C 7 -7.86 -26.37 2.31
C GLY C 7 -8.04 -25.56 1.03
N LEU C 8 -8.18 -26.25 -0.10
CA LEU C 8 -8.43 -25.52 -1.34
C LEU C 8 -9.82 -24.89 -1.36
N ILE C 9 -10.83 -25.57 -0.79
CA ILE C 9 -12.12 -24.91 -0.56
C ILE C 9 -11.93 -23.67 0.31
N ALA C 10 -11.12 -23.78 1.36
CA ALA C 10 -10.91 -22.66 2.28
C ALA C 10 -10.30 -21.45 1.55
N VAL C 11 -9.30 -21.71 0.71
CA VAL C 11 -8.71 -20.66 -0.12
C VAL C 11 -9.78 -20.02 -1.00
N GLY C 12 -10.65 -20.86 -1.58
CA GLY C 12 -11.71 -20.33 -2.44
C GLY C 12 -12.65 -19.40 -1.71
N MET C 13 -13.16 -19.83 -0.54
CA MET C 13 -14.12 -18.98 0.16
C MET C 13 -13.47 -17.69 0.61
N GLY C 14 -12.26 -17.78 1.17
CA GLY C 14 -11.60 -16.58 1.67
C GLY C 14 -11.33 -15.57 0.58
N LEU C 15 -10.83 -16.04 -0.57
CA LEU C 15 -10.58 -15.12 -1.68
C LEU C 15 -11.89 -14.52 -2.18
N ALA C 16 -12.96 -15.32 -2.27
CA ALA C 16 -14.23 -14.81 -2.75
C ALA C 16 -14.74 -13.66 -1.88
N VAL C 17 -14.79 -13.87 -0.57
CA VAL C 17 -15.28 -12.79 0.29
C VAL C 17 -14.30 -11.62 0.27
N GLY C 18 -13.02 -11.89 0.06
CA GLY C 18 -12.04 -10.81 0.02
C GLY C 18 -12.28 -9.84 -1.12
N LEU C 19 -12.42 -10.34 -2.35
CA LEU C 19 -12.65 -9.37 -3.42
C LEU C 19 -14.10 -8.87 -3.46
N ALA C 20 -15.03 -9.59 -2.83
CA ALA C 20 -16.35 -8.99 -2.61
C ALA C 20 -16.24 -7.74 -1.75
N ALA C 21 -15.47 -7.84 -0.65
CA ALA C 21 -15.22 -6.68 0.19
C ALA C 21 -14.47 -5.60 -0.58
N LEU C 22 -13.54 -6.00 -1.45
CA LEU C 22 -12.83 -5.03 -2.28
C LEU C 22 -13.79 -4.21 -3.13
N GLY C 23 -14.70 -4.87 -3.83
CA GLY C 23 -15.64 -4.16 -4.67
C GLY C 23 -16.54 -3.23 -3.87
N THR C 24 -17.07 -3.73 -2.75
CA THR C 24 -17.96 -2.86 -1.98
C THR C 24 -17.20 -1.67 -1.39
N GLY C 25 -15.93 -1.87 -1.01
CA GLY C 25 -15.16 -0.77 -0.46
C GLY C 25 -14.86 0.31 -1.47
N VAL C 26 -14.45 -0.09 -2.68
CA VAL C 26 -14.13 0.91 -3.69
C VAL C 26 -15.40 1.65 -4.12
N ALA C 27 -16.55 0.98 -4.02
CA ALA C 27 -17.82 1.70 -4.22
C ALA C 27 -18.07 2.72 -3.10
N GLN C 28 -18.08 2.24 -1.85
CA GLN C 28 -18.51 3.09 -0.74
C GLN C 28 -17.56 4.26 -0.51
N ALA C 29 -16.32 4.19 -1.00
CA ALA C 29 -15.42 5.33 -0.89
C ALA C 29 -16.03 6.59 -1.51
N ARG C 30 -16.22 6.57 -2.84
CA ARG C 30 -16.81 7.72 -3.52
C ARG C 30 -18.24 7.96 -3.07
N ILE C 31 -18.99 6.87 -2.82
CA ILE C 31 -20.39 7.02 -2.41
C ILE C 31 -20.49 7.86 -1.14
N GLY C 32 -19.77 7.47 -0.10
CA GLY C 32 -19.87 8.17 1.16
C GLY C 32 -19.18 9.51 1.14
N ALA C 33 -18.19 9.69 0.27
CA ALA C 33 -17.57 11.00 0.14
C ALA C 33 -18.57 12.03 -0.36
N ALA C 34 -19.25 11.72 -1.47
CA ALA C 34 -20.27 12.64 -1.98
C ALA C 34 -21.43 12.77 -1.00
N GLY C 35 -21.81 11.66 -0.35
CA GLY C 35 -22.88 11.73 0.64
C GLY C 35 -22.54 12.62 1.82
N VAL C 36 -21.30 12.55 2.29
CA VAL C 36 -20.86 13.37 3.41
C VAL C 36 -20.86 14.84 3.02
N GLY C 37 -20.41 15.15 1.80
CA GLY C 37 -20.49 16.53 1.34
C GLY C 37 -21.93 17.04 1.32
N ALA C 38 -22.85 16.22 0.80
CA ALA C 38 -24.26 16.62 0.75
C ALA C 38 -24.83 16.80 2.15
N ILE C 39 -24.51 15.90 3.08
CA ILE C 39 -25.04 16.01 4.43
C ILE C 39 -24.44 17.23 5.13
N ALA C 40 -23.18 17.54 4.82
CA ALA C 40 -22.55 18.72 5.37
C ALA C 40 -23.26 19.99 4.92
N GLU C 41 -23.65 20.07 3.65
CA GLU C 41 -24.19 21.37 3.21
C GLU C 41 -25.69 21.45 3.47
N ASP C 42 -26.36 20.30 3.65
CA ASP C 42 -27.81 20.36 3.81
C ASP C 42 -28.30 19.80 5.15
N ARG C 43 -27.90 18.56 5.48
CA ARG C 43 -28.26 17.81 6.68
C ARG C 43 -29.72 17.31 6.61
N SER C 44 -30.47 17.78 5.61
CA SER C 44 -31.84 17.30 5.47
C SER C 44 -31.96 16.17 4.46
N ASN C 45 -30.90 15.90 3.69
CA ASN C 45 -30.92 14.78 2.76
C ASN C 45 -30.37 13.51 3.39
N PHE C 46 -30.46 13.39 4.71
CA PHE C 46 -29.77 12.32 5.43
C PHE C 46 -30.29 10.94 5.04
N GLY C 47 -31.60 10.78 4.94
CA GLY C 47 -32.16 9.48 4.58
C GLY C 47 -31.75 9.04 3.19
N THR C 48 -31.75 9.99 2.24
CA THR C 48 -31.25 9.71 0.91
C THR C 48 -29.78 9.29 0.96
N ALA C 49 -28.98 9.96 1.80
CA ALA C 49 -27.58 9.60 1.93
C ALA C 49 -27.41 8.17 2.44
N LEU C 50 -28.11 7.80 3.51
CA LEU C 50 -27.95 6.44 4.03
C LEU C 50 -28.45 5.39 3.05
N ILE C 51 -29.56 5.65 2.35
CA ILE C 51 -30.04 4.61 1.43
C ILE C 51 -29.07 4.46 0.26
N PHE C 52 -28.58 5.59 -0.28
CA PHE C 52 -27.64 5.54 -1.38
C PHE C 52 -26.31 4.93 -0.97
N LEU C 53 -26.00 4.96 0.32
CA LEU C 53 -24.80 4.29 0.80
C LEU C 53 -25.09 2.83 1.15
N LEU C 54 -26.37 2.47 1.31
CA LEU C 54 -26.64 1.10 1.74
C LEU C 54 -27.04 0.21 0.56
N LEU C 55 -27.17 0.73 -0.66
CA LEU C 55 -27.14 -0.21 -1.78
C LEU C 55 -25.84 -1.00 -1.94
N PRO C 56 -24.63 -0.42 -1.88
CA PRO C 56 -23.46 -1.17 -2.35
C PRO C 56 -22.89 -2.23 -1.40
N GLU C 57 -23.63 -2.73 -0.40
CA GLU C 57 -23.12 -3.92 0.29
C GLU C 57 -23.77 -5.21 -0.22
N THR C 58 -24.67 -5.10 -1.20
CA THR C 58 -25.28 -6.29 -1.80
C THR C 58 -24.23 -7.26 -2.28
N LEU C 59 -23.14 -6.76 -2.84
CA LEU C 59 -21.99 -7.58 -3.20
C LEU C 59 -21.47 -8.38 -2.01
N VAL C 60 -21.44 -7.77 -0.83
CA VAL C 60 -21.03 -8.50 0.35
C VAL C 60 -22.00 -9.63 0.67
N ILE C 61 -23.32 -9.40 0.58
CA ILE C 61 -24.22 -10.53 0.86
C ILE C 61 -24.11 -11.63 -0.18
N PHE C 62 -23.97 -11.31 -1.48
CA PHE C 62 -23.78 -12.45 -2.39
C PHE C 62 -22.46 -13.16 -2.13
N GLY C 63 -21.38 -12.43 -1.84
CA GLY C 63 -20.10 -13.08 -1.58
C GLY C 63 -20.17 -14.02 -0.41
N LEU C 64 -20.81 -13.60 0.68
CA LEU C 64 -20.98 -14.51 1.81
C LEU C 64 -21.95 -15.63 1.47
N LEU C 65 -22.80 -15.42 0.46
CA LEU C 65 -23.67 -16.51 0.01
C LEU C 65 -22.87 -17.62 -0.66
N ILE C 66 -21.96 -17.27 -1.59
CA ILE C 66 -21.15 -18.37 -2.15
C ILE C 66 -20.23 -18.95 -1.09
N ALA C 67 -19.74 -18.13 -0.15
CA ALA C 67 -18.93 -18.65 0.94
C ALA C 67 -19.69 -19.67 1.78
N PHE C 68 -20.96 -19.38 2.08
CA PHE C 68 -21.79 -20.32 2.82
C PHE C 68 -22.11 -21.56 1.99
N ILE C 69 -22.21 -21.41 0.66
CA ILE C 69 -22.48 -22.57 -0.19
C ILE C 69 -21.33 -23.56 -0.13
N LEU C 70 -20.09 -23.09 -0.32
CA LEU C 70 -18.97 -24.03 -0.18
C LEU C 70 -18.72 -24.44 1.26
N ASN C 71 -19.17 -23.65 2.23
CA ASN C 71 -19.12 -24.14 3.61
C ASN C 71 -20.08 -25.29 3.82
N GLY C 72 -21.25 -25.24 3.17
CA GLY C 72 -22.14 -26.38 3.15
C GLY C 72 -21.55 -27.56 2.40
N ARG C 73 -20.72 -27.29 1.39
CA ARG C 73 -19.99 -28.36 0.73
C ARG C 73 -18.92 -28.95 1.65
N LEU C 74 -18.56 -28.24 2.72
CA LEU C 74 -17.58 -28.65 3.75
C LEU C 74 -16.28 -29.26 3.21
N SER D 1 -5.43 -37.50 -6.70
CA SER D 1 -6.81 -37.91 -6.50
C SER D 1 -7.78 -36.91 -7.14
N GLY D 2 -9.05 -37.30 -7.21
CA GLY D 2 -10.07 -36.43 -7.78
C GLY D 2 -10.52 -35.32 -6.87
N GLY D 3 -10.11 -35.33 -5.60
CA GLY D 3 -10.52 -34.29 -4.67
C GLY D 3 -9.94 -32.93 -5.00
N LEU D 4 -8.71 -32.89 -5.51
CA LEU D 4 -8.05 -31.62 -5.79
C LEU D 4 -8.79 -30.83 -6.87
N ASP D 5 -9.40 -31.56 -7.81
CA ASP D 5 -10.21 -30.91 -8.84
C ASP D 5 -11.38 -30.16 -8.23
N ARG D 6 -12.03 -30.74 -7.22
CA ARG D 6 -13.13 -30.06 -6.54
C ARG D 6 -12.64 -28.80 -5.85
N GLY D 7 -11.48 -28.86 -5.19
CA GLY D 7 -10.96 -27.69 -4.52
C GLY D 7 -10.66 -26.56 -5.48
N LEU D 8 -10.04 -26.88 -6.61
CA LEU D 8 -9.62 -25.77 -7.48
C LEU D 8 -10.74 -25.33 -8.40
N ILE D 9 -11.77 -26.15 -8.63
CA ILE D 9 -12.97 -25.58 -9.23
C ILE D 9 -13.65 -24.64 -8.26
N ALA D 10 -13.61 -24.94 -6.95
CA ALA D 10 -14.12 -23.99 -5.96
C ALA D 10 -13.32 -22.69 -5.99
N VAL D 11 -12.01 -22.80 -6.17
CA VAL D 11 -11.16 -21.61 -6.33
C VAL D 11 -11.62 -20.81 -7.55
N GLY D 12 -11.93 -21.51 -8.64
CA GLY D 12 -12.47 -20.83 -9.82
C GLY D 12 -13.78 -20.10 -9.56
N MET D 13 -14.68 -20.76 -8.81
CA MET D 13 -15.92 -20.11 -8.38
C MET D 13 -15.62 -18.79 -7.68
N GLY D 14 -14.74 -18.86 -6.68
CA GLY D 14 -14.46 -17.70 -5.87
C GLY D 14 -13.85 -16.56 -6.67
N LEU D 15 -12.91 -16.88 -7.57
CA LEU D 15 -12.29 -15.80 -8.32
C LEU D 15 -13.27 -15.21 -9.33
N ALA D 16 -14.16 -16.04 -9.89
CA ALA D 16 -15.17 -15.51 -10.81
C ALA D 16 -16.05 -14.49 -10.11
N VAL D 17 -16.62 -14.86 -8.95
CA VAL D 17 -17.54 -13.93 -8.29
C VAL D 17 -16.77 -12.72 -7.75
N GLY D 18 -15.51 -12.93 -7.36
CA GLY D 18 -14.72 -11.84 -6.84
C GLY D 18 -14.45 -10.75 -7.86
N LEU D 19 -13.97 -11.14 -9.05
CA LEU D 19 -13.71 -10.10 -10.05
C LEU D 19 -15.00 -9.51 -10.61
N ALA D 20 -16.08 -10.31 -10.67
CA ALA D 20 -17.36 -9.72 -11.07
C ALA D 20 -17.81 -8.64 -10.10
N ALA D 21 -17.71 -8.92 -8.80
CA ALA D 21 -18.07 -7.93 -7.79
C ALA D 21 -17.14 -6.71 -7.86
N LEU D 22 -15.85 -6.95 -8.09
CA LEU D 22 -14.92 -5.83 -8.15
C LEU D 22 -15.25 -4.89 -9.31
N GLY D 23 -15.55 -5.45 -10.49
CA GLY D 23 -15.89 -4.63 -11.63
C GLY D 23 -17.17 -3.85 -11.44
N THR D 24 -18.21 -4.52 -10.94
CA THR D 24 -19.43 -3.77 -10.72
C THR D 24 -19.27 -2.74 -9.60
N GLY D 25 -18.39 -3.00 -8.63
CA GLY D 25 -18.18 -2.01 -7.58
C GLY D 25 -17.50 -0.75 -8.08
N VAL D 26 -16.47 -0.90 -8.92
CA VAL D 26 -15.80 0.28 -9.44
C VAL D 26 -16.73 1.03 -10.39
N ALA D 27 -17.67 0.31 -11.00
CA ALA D 27 -18.74 1.00 -11.72
C ALA D 27 -19.62 1.84 -10.78
N GLN D 28 -20.23 1.19 -9.78
CA GLN D 28 -21.19 1.86 -8.91
C GLN D 28 -20.57 3.02 -8.15
N ALA D 29 -19.26 3.01 -7.94
CA ALA D 29 -18.61 4.13 -7.27
C ALA D 29 -18.90 5.45 -7.98
N ARG D 30 -18.44 5.59 -9.22
CA ARG D 30 -18.65 6.82 -9.97
C ARG D 30 -20.13 7.02 -10.29
N ILE D 31 -20.85 5.92 -10.59
CA ILE D 31 -22.26 6.05 -10.94
C ILE D 31 -23.04 6.70 -9.80
N GLY D 32 -22.89 6.16 -8.59
CA GLY D 32 -23.62 6.70 -7.47
C GLY D 32 -23.08 8.04 -7.01
N ALA D 33 -21.79 8.31 -7.25
CA ALA D 33 -21.27 9.65 -6.94
C ALA D 33 -22.03 10.71 -7.73
N ALA D 34 -22.11 10.52 -9.05
CA ALA D 34 -22.86 11.47 -9.88
C ALA D 34 -24.34 11.45 -9.50
N GLY D 35 -24.88 10.27 -9.17
CA GLY D 35 -26.29 10.17 -8.85
C GLY D 35 -26.68 10.96 -7.61
N VAL D 36 -25.91 10.80 -6.53
CA VAL D 36 -26.26 11.53 -5.31
C VAL D 36 -25.92 13.01 -5.43
N GLY D 37 -24.96 13.36 -6.30
CA GLY D 37 -24.78 14.78 -6.58
C GLY D 37 -26.01 15.40 -7.21
N ALA D 38 -26.53 14.74 -8.25
CA ALA D 38 -27.74 15.23 -8.91
C ALA D 38 -28.93 15.21 -7.96
N ILE D 39 -29.00 14.20 -7.08
CA ILE D 39 -30.12 14.10 -6.16
C ILE D 39 -30.07 15.20 -5.11
N ALA D 40 -28.89 15.45 -4.54
CA ALA D 40 -28.75 16.51 -3.55
C ALA D 40 -29.03 17.86 -4.15
N GLU D 41 -28.78 18.03 -5.45
CA GLU D 41 -29.05 19.34 -6.05
C GLU D 41 -30.51 19.45 -6.52
N ASP D 42 -31.16 18.32 -6.82
CA ASP D 42 -32.46 18.41 -7.49
C ASP D 42 -33.59 17.77 -6.69
N ARG D 43 -33.39 16.55 -6.16
CA ARG D 43 -34.34 15.78 -5.36
C ARG D 43 -35.48 15.20 -6.22
N SER D 44 -35.56 15.58 -7.50
CA SER D 44 -36.65 15.11 -8.34
C SER D 44 -36.22 14.13 -9.43
N ASN D 45 -34.92 13.93 -9.65
CA ASN D 45 -34.46 12.91 -10.60
C ASN D 45 -34.26 11.56 -9.93
N PHE D 46 -35.04 11.27 -8.88
CA PHE D 46 -34.75 10.14 -8.01
C PHE D 46 -34.88 8.81 -8.73
N GLY D 47 -35.95 8.62 -9.50
CA GLY D 47 -36.12 7.37 -10.23
C GLY D 47 -35.03 7.13 -11.25
N THR D 48 -34.66 8.20 -11.97
CA THR D 48 -33.57 8.10 -12.94
C THR D 48 -32.26 7.74 -12.25
N ALA D 49 -32.02 8.32 -11.08
CA ALA D 49 -30.84 7.99 -10.31
C ALA D 49 -30.82 6.51 -9.95
N LEU D 50 -31.97 5.98 -9.53
CA LEU D 50 -31.98 4.56 -9.15
C LEU D 50 -31.79 3.64 -10.35
N ILE D 51 -32.42 3.92 -11.50
CA ILE D 51 -32.24 2.99 -12.62
C ILE D 51 -30.79 3.03 -13.10
N PHE D 52 -30.22 4.25 -13.16
CA PHE D 52 -28.82 4.39 -13.53
C PHE D 52 -27.91 3.69 -12.54
N LEU D 53 -28.30 3.66 -11.27
CA LEU D 53 -27.57 2.87 -10.29
C LEU D 53 -27.74 1.37 -10.54
N LEU D 54 -28.95 0.94 -10.91
CA LEU D 54 -29.23 -0.50 -10.97
C LEU D 54 -29.20 -1.08 -12.38
N LEU D 55 -28.45 -0.49 -13.32
CA LEU D 55 -27.99 -1.35 -14.42
C LEU D 55 -26.86 -2.30 -14.03
N PRO D 56 -25.66 -1.87 -13.61
CA PRO D 56 -24.47 -2.71 -13.75
C PRO D 56 -24.37 -3.91 -12.81
N GLU D 57 -25.44 -4.32 -12.13
CA GLU D 57 -25.40 -5.59 -11.40
C GLU D 57 -25.72 -6.77 -12.32
N THR D 58 -25.88 -6.49 -13.62
CA THR D 58 -25.77 -7.55 -14.61
C THR D 58 -24.48 -8.32 -14.43
N LEU D 59 -23.40 -7.62 -14.11
CA LEU D 59 -22.09 -8.24 -13.92
C LEU D 59 -22.14 -9.30 -12.83
N VAL D 60 -22.74 -8.98 -11.69
CA VAL D 60 -22.77 -9.96 -10.61
C VAL D 60 -23.82 -11.04 -10.87
N ILE D 61 -24.83 -10.81 -11.71
CA ILE D 61 -25.72 -11.95 -11.95
C ILE D 61 -25.10 -12.93 -12.95
N PHE D 62 -24.31 -12.45 -13.92
CA PHE D 62 -23.56 -13.48 -14.66
C PHE D 62 -22.50 -14.14 -13.77
N GLY D 63 -21.92 -13.38 -12.83
CA GLY D 63 -21.00 -13.99 -11.89
C GLY D 63 -21.66 -15.10 -11.09
N LEU D 64 -22.88 -14.86 -10.60
CA LEU D 64 -23.49 -15.90 -9.78
C LEU D 64 -23.92 -17.07 -10.65
N LEU D 65 -24.39 -16.83 -11.88
CA LEU D 65 -24.89 -17.99 -12.63
C LEU D 65 -23.73 -18.85 -13.11
N ILE D 66 -22.57 -18.24 -13.40
CA ILE D 66 -21.41 -19.10 -13.69
C ILE D 66 -21.01 -19.85 -12.43
N ALA D 67 -21.19 -19.23 -11.25
CA ALA D 67 -20.93 -19.95 -10.00
C ALA D 67 -21.84 -21.18 -9.86
N PHE D 68 -23.15 -21.05 -10.12
CA PHE D 68 -24.01 -22.23 -10.03
C PHE D 68 -23.72 -23.26 -11.13
N ILE D 69 -23.26 -22.83 -12.32
CA ILE D 69 -23.08 -23.89 -13.32
C ILE D 69 -21.83 -24.71 -13.02
N LEU D 70 -20.77 -24.10 -12.45
CA LEU D 70 -19.73 -24.98 -11.88
C LEU D 70 -20.22 -25.69 -10.61
N ASN D 71 -21.22 -25.14 -9.92
CA ASN D 71 -21.74 -25.85 -8.76
C ASN D 71 -22.43 -27.15 -9.16
N GLY D 72 -23.04 -27.16 -10.34
CA GLY D 72 -23.70 -28.37 -10.82
C GLY D 72 -22.75 -29.51 -11.12
N ARG D 73 -21.44 -29.24 -11.16
CA ARG D 73 -20.46 -30.29 -11.39
C ARG D 73 -20.40 -31.29 -10.24
N LEU D 74 -20.68 -30.83 -9.02
CA LEU D 74 -20.67 -31.65 -7.80
C LEU D 74 -19.33 -32.35 -7.56
N GLY E 2 -8.55 -38.31 -17.95
CA GLY E 2 -8.49 -36.94 -17.50
C GLY E 2 -7.65 -36.75 -16.25
N GLY E 3 -7.89 -35.64 -15.55
CA GLY E 3 -7.14 -35.36 -14.33
C GLY E 3 -7.41 -33.96 -13.79
N LEU E 4 -6.34 -33.26 -13.42
CA LEU E 4 -6.48 -31.91 -12.87
C LEU E 4 -6.92 -30.91 -13.93
N ASP E 5 -6.78 -31.26 -15.20
CA ASP E 5 -7.24 -30.41 -16.28
C ASP E 5 -8.74 -30.17 -16.21
N ARG E 6 -9.49 -31.16 -15.70
CA ARG E 6 -10.94 -31.05 -15.60
C ARG E 6 -11.34 -29.87 -14.72
N GLY E 7 -10.48 -29.51 -13.78
CA GLY E 7 -10.74 -28.32 -12.98
C GLY E 7 -10.01 -27.10 -13.47
N LEU E 8 -8.85 -27.30 -14.10
CA LEU E 8 -8.10 -26.15 -14.61
C LEU E 8 -8.88 -25.43 -15.71
N ILE E 9 -9.67 -26.17 -16.50
CA ILE E 9 -10.53 -25.53 -17.49
C ILE E 9 -11.57 -24.66 -16.79
N ALA E 10 -12.12 -25.14 -15.68
CA ALA E 10 -13.10 -24.37 -14.91
C ALA E 10 -12.49 -23.09 -14.35
N VAL E 11 -11.25 -23.18 -13.88
CA VAL E 11 -10.52 -21.99 -13.44
C VAL E 11 -10.40 -21.00 -14.60
N GLY E 12 -10.14 -21.51 -15.80
CA GLY E 12 -10.11 -20.66 -16.99
C GLY E 12 -11.43 -19.96 -17.26
N MET E 13 -12.54 -20.71 -17.16
CA MET E 13 -13.88 -20.11 -17.29
C MET E 13 -14.05 -18.94 -16.33
N GLY E 14 -13.79 -19.21 -15.04
CA GLY E 14 -14.03 -18.20 -14.02
C GLY E 14 -13.17 -16.97 -14.21
N LEU E 15 -11.90 -17.17 -14.54
CA LEU E 15 -11.00 -16.05 -14.76
C LEU E 15 -11.43 -15.23 -15.97
N ALA E 16 -11.85 -15.91 -17.04
CA ALA E 16 -12.31 -15.22 -18.24
C ALA E 16 -13.50 -14.30 -17.94
N VAL E 17 -14.53 -14.86 -17.30
CA VAL E 17 -15.72 -14.03 -17.04
C VAL E 17 -15.38 -12.93 -16.05
N GLY E 18 -14.45 -13.20 -15.12
CA GLY E 18 -14.09 -12.19 -14.13
C GLY E 18 -13.44 -10.96 -14.74
N LEU E 19 -12.38 -11.15 -15.53
CA LEU E 19 -11.78 -9.96 -16.15
C LEU E 19 -12.69 -9.34 -17.21
N ALA E 20 -13.56 -10.14 -17.85
CA ALA E 20 -14.52 -9.52 -18.76
C ALA E 20 -15.43 -8.56 -18.01
N ALA E 21 -15.99 -9.00 -16.88
CA ALA E 21 -16.85 -8.15 -16.08
C ALA E 21 -16.10 -6.94 -15.54
N LEU E 22 -14.83 -7.13 -15.17
CA LEU E 22 -14.04 -6.01 -14.68
C LEU E 22 -13.87 -4.95 -15.76
N GLY E 23 -13.61 -5.38 -17.00
CA GLY E 23 -13.47 -4.42 -18.09
C GLY E 23 -14.76 -3.65 -18.36
N THR E 24 -15.89 -4.37 -18.38
CA THR E 24 -17.16 -3.65 -18.57
C THR E 24 -17.46 -2.71 -17.43
N GLY E 25 -17.14 -3.08 -16.18
CA GLY E 25 -17.34 -2.16 -15.08
C GLY E 25 -16.50 -0.91 -15.19
N VAL E 26 -15.24 -1.07 -15.60
CA VAL E 26 -14.35 0.07 -15.78
C VAL E 26 -14.90 1.03 -16.82
N ALA E 27 -15.41 0.48 -17.93
CA ALA E 27 -16.01 1.36 -18.95
C ALA E 27 -17.28 2.02 -18.42
N GLN E 28 -18.20 1.22 -17.88
CA GLN E 28 -19.52 1.71 -17.53
C GLN E 28 -19.47 2.76 -16.44
N ALA E 29 -18.43 2.75 -15.59
CA ALA E 29 -18.28 3.79 -14.58
C ALA E 29 -18.29 5.17 -15.20
N ARG E 30 -17.30 5.47 -16.04
CA ARG E 30 -17.21 6.79 -16.65
C ARG E 30 -18.37 7.05 -17.61
N ILE E 31 -18.80 6.01 -18.35
CA ILE E 31 -19.89 6.20 -19.31
C ILE E 31 -21.14 6.66 -18.59
N GLY E 32 -21.54 5.94 -17.54
CA GLY E 32 -22.77 6.28 -16.85
C GLY E 32 -22.64 7.53 -16.01
N ALA E 33 -21.42 7.85 -15.55
CA ALA E 33 -21.24 9.11 -14.83
C ALA E 33 -21.51 10.31 -15.72
N ALA E 34 -20.88 10.33 -16.90
CA ALA E 34 -21.14 11.43 -17.84
C ALA E 34 -22.59 11.42 -18.32
N GLY E 35 -23.16 10.23 -18.52
CA GLY E 35 -24.55 10.15 -18.92
C GLY E 35 -25.50 10.68 -17.86
N VAL E 36 -25.21 10.39 -16.59
CA VAL E 36 -26.05 10.88 -15.50
C VAL E 36 -25.97 12.40 -15.41
N GLY E 37 -24.77 12.95 -15.58
CA GLY E 37 -24.65 14.41 -15.63
C GLY E 37 -25.48 15.02 -16.75
N ALA E 38 -25.39 14.42 -17.95
CA ALA E 38 -26.17 14.94 -19.08
C ALA E 38 -27.67 14.83 -18.83
N ILE E 39 -28.12 13.71 -18.24
CA ILE E 39 -29.55 13.52 -18.00
C ILE E 39 -30.06 14.49 -16.95
N ALA E 40 -29.29 14.68 -15.88
CA ALA E 40 -29.68 15.66 -14.86
C ALA E 40 -29.70 17.06 -15.43
N GLU E 41 -28.90 17.34 -16.46
CA GLU E 41 -29.00 18.63 -17.13
C GLU E 41 -30.26 18.74 -17.98
N ASP E 42 -30.45 17.83 -18.92
CA ASP E 42 -31.48 18.07 -19.95
C ASP E 42 -32.78 17.33 -19.68
N ARG E 43 -32.71 16.06 -19.26
CA ARG E 43 -33.86 15.14 -19.25
C ARG E 43 -34.50 15.07 -20.65
N SER E 44 -33.67 15.03 -21.68
CA SER E 44 -34.11 14.84 -23.06
C SER E 44 -33.28 13.81 -23.80
N ASN E 45 -32.08 13.52 -23.30
CA ASN E 45 -31.18 12.60 -23.98
C ASN E 45 -31.20 11.22 -23.33
N PHE E 46 -32.33 10.80 -22.76
CA PHE E 46 -32.36 9.56 -21.99
C PHE E 46 -32.10 8.34 -22.87
N GLY E 47 -32.64 8.34 -24.09
CA GLY E 47 -32.37 7.23 -24.99
C GLY E 47 -30.91 7.16 -25.41
N THR E 48 -30.31 8.31 -25.71
CA THR E 48 -28.91 8.35 -26.12
C THR E 48 -28.00 7.89 -24.99
N ALA E 49 -28.25 8.39 -23.77
CA ALA E 49 -27.46 7.95 -22.62
C ALA E 49 -27.64 6.47 -22.37
N LEU E 50 -28.88 5.97 -22.52
CA LEU E 50 -29.14 4.55 -22.33
C LEU E 50 -28.34 3.70 -23.31
N ILE E 51 -28.40 4.02 -24.60
CA ILE E 51 -27.69 3.18 -25.57
C ILE E 51 -26.18 3.31 -25.39
N PHE E 52 -25.70 4.52 -25.06
CA PHE E 52 -24.27 4.71 -24.83
C PHE E 52 -23.78 3.87 -23.66
N LEU E 53 -24.61 3.72 -22.62
CA LEU E 53 -24.24 2.79 -21.56
C LEU E 53 -24.53 1.35 -21.98
N LEU E 54 -25.30 1.16 -23.05
CA LEU E 54 -25.70 -0.18 -23.48
C LEU E 54 -24.76 -0.78 -24.54
N LEU E 55 -23.75 -0.05 -25.00
CA LEU E 55 -22.69 -0.75 -25.73
C LEU E 55 -21.80 -1.64 -24.85
N PRO E 56 -21.13 -1.17 -23.79
CA PRO E 56 -19.91 -1.87 -23.33
C PRO E 56 -20.12 -3.21 -22.65
N GLU E 57 -21.29 -3.86 -22.75
CA GLU E 57 -21.41 -5.21 -22.20
C GLU E 57 -21.16 -6.28 -23.26
N THR E 58 -20.93 -5.91 -24.52
CA THR E 58 -20.56 -6.91 -25.53
C THR E 58 -19.39 -7.74 -25.07
N LEU E 59 -18.48 -7.11 -24.31
CA LEU E 59 -17.41 -7.82 -23.61
C LEU E 59 -17.93 -8.98 -22.78
N VAL E 60 -19.00 -8.77 -22.00
CA VAL E 60 -19.41 -9.91 -21.18
C VAL E 60 -20.25 -10.90 -21.97
N ILE E 61 -20.86 -10.52 -23.11
CA ILE E 61 -21.39 -11.62 -23.95
C ILE E 61 -20.26 -12.46 -24.56
N PHE E 62 -19.14 -11.85 -24.97
CA PHE E 62 -18.06 -12.76 -25.40
C PHE E 62 -17.49 -13.53 -24.21
N GLY E 63 -17.52 -12.95 -23.01
CA GLY E 63 -17.05 -13.68 -21.84
C GLY E 63 -17.89 -14.90 -21.53
N LEU E 64 -19.22 -14.74 -21.54
CA LEU E 64 -20.08 -15.91 -21.41
C LEU E 64 -19.96 -16.83 -22.61
N LEU E 65 -19.59 -16.29 -23.78
CA LEU E 65 -19.41 -17.15 -24.95
C LEU E 65 -18.23 -18.10 -24.77
N ILE E 66 -17.07 -17.55 -24.35
CA ILE E 66 -15.91 -18.41 -24.14
C ILE E 66 -16.18 -19.35 -22.97
N ALA E 67 -16.92 -18.87 -21.96
CA ALA E 67 -17.34 -19.74 -20.86
C ALA E 67 -18.17 -20.92 -21.37
N PHE E 68 -19.14 -20.68 -22.25
CA PHE E 68 -20.01 -21.76 -22.68
C PHE E 68 -19.29 -22.73 -23.61
N ILE E 69 -18.39 -22.24 -24.48
CA ILE E 69 -17.69 -23.19 -25.34
C ILE E 69 -16.71 -24.02 -24.50
N LEU E 70 -16.15 -23.41 -23.45
CA LEU E 70 -15.35 -24.20 -22.50
C LEU E 70 -16.20 -25.24 -21.79
N ASN E 71 -17.42 -24.87 -21.40
CA ASN E 71 -18.31 -25.83 -20.74
C ASN E 71 -18.65 -26.99 -21.67
N GLY E 72 -18.88 -26.70 -22.94
CA GLY E 72 -19.08 -27.77 -23.91
C GLY E 72 -17.84 -28.62 -24.10
N ARG E 73 -16.66 -28.00 -24.05
CA ARG E 73 -15.41 -28.75 -24.23
C ARG E 73 -15.09 -29.58 -22.99
N LEU E 74 -15.70 -29.28 -21.86
CA LEU E 74 -15.50 -30.04 -20.63
C LEU E 74 -15.97 -31.49 -20.78
N GLY F 2 -2.53 -34.65 -24.27
CA GLY F 2 -3.60 -35.47 -23.72
C GLY F 2 -3.69 -35.40 -22.21
N GLY F 3 -4.81 -34.88 -21.72
CA GLY F 3 -5.03 -34.78 -20.29
C GLY F 3 -4.63 -33.45 -19.70
N LEU F 4 -3.55 -33.44 -18.93
CA LEU F 4 -3.20 -32.30 -18.08
C LEU F 4 -2.92 -31.02 -18.87
N ASP F 5 -2.57 -31.17 -20.15
CA ASP F 5 -2.30 -29.99 -20.98
C ASP F 5 -3.56 -29.16 -21.20
N ARG F 6 -4.72 -29.84 -21.30
CA ARG F 6 -5.96 -29.21 -21.77
C ARG F 6 -6.38 -28.04 -20.89
N GLY F 7 -6.31 -28.22 -19.57
CA GLY F 7 -6.67 -27.13 -18.67
C GLY F 7 -5.72 -25.95 -18.78
N LEU F 8 -4.44 -26.23 -19.03
CA LEU F 8 -3.47 -25.16 -19.22
C LEU F 8 -3.77 -24.36 -20.49
N ILE F 9 -4.09 -25.05 -21.59
CA ILE F 9 -4.52 -24.33 -22.79
C ILE F 9 -5.77 -23.51 -22.49
N ALA F 10 -6.69 -24.06 -21.68
CA ALA F 10 -7.94 -23.38 -21.36
C ALA F 10 -7.70 -22.10 -20.57
N VAL F 11 -6.82 -22.14 -19.56
CA VAL F 11 -6.57 -20.92 -18.79
C VAL F 11 -5.84 -19.90 -19.66
N GLY F 12 -5.04 -20.38 -20.61
CA GLY F 12 -4.48 -19.47 -21.60
C GLY F 12 -5.55 -18.74 -22.38
N MET F 13 -6.55 -19.47 -22.87
CA MET F 13 -7.68 -18.86 -23.58
C MET F 13 -8.33 -17.79 -22.71
N GLY F 14 -8.67 -18.19 -21.47
CA GLY F 14 -9.44 -17.32 -20.61
C GLY F 14 -8.69 -16.05 -20.25
N LEU F 15 -7.40 -16.17 -19.95
CA LEU F 15 -6.63 -14.98 -19.60
C LEU F 15 -6.44 -14.08 -20.80
N ALA F 16 -6.28 -14.67 -22.00
CA ALA F 16 -6.16 -13.85 -23.20
C ALA F 16 -7.42 -13.01 -23.43
N VAL F 17 -8.59 -13.65 -23.39
CA VAL F 17 -9.82 -12.91 -23.68
C VAL F 17 -10.10 -11.90 -22.57
N GLY F 18 -9.83 -12.27 -21.32
CA GLY F 18 -10.09 -11.35 -20.22
C GLY F 18 -9.21 -10.11 -20.26
N LEU F 19 -7.93 -10.29 -20.57
CA LEU F 19 -7.03 -9.13 -20.66
C LEU F 19 -7.37 -8.25 -21.85
N ALA F 20 -7.77 -8.87 -22.98
CA ALA F 20 -8.21 -8.06 -24.12
C ALA F 20 -9.44 -7.24 -23.76
N ALA F 21 -10.38 -7.86 -23.03
CA ALA F 21 -11.55 -7.13 -22.57
C ALA F 21 -11.17 -5.99 -21.63
N LEU F 22 -10.21 -6.23 -20.74
CA LEU F 22 -9.76 -5.18 -19.83
C LEU F 22 -9.21 -3.99 -20.61
N GLY F 23 -8.36 -4.27 -21.60
CA GLY F 23 -7.77 -3.19 -22.38
C GLY F 23 -8.80 -2.38 -23.16
N THR F 24 -9.71 -3.07 -23.84
CA THR F 24 -10.71 -2.31 -24.58
C THR F 24 -11.66 -1.58 -23.64
N GLY F 25 -11.89 -2.11 -22.43
CA GLY F 25 -12.76 -1.42 -21.50
C GLY F 25 -12.17 -0.12 -21.00
N VAL F 26 -10.88 -0.14 -20.64
CA VAL F 26 -10.25 1.09 -20.16
C VAL F 26 -10.15 2.09 -21.31
N ALA F 27 -10.03 1.59 -22.55
CA ALA F 27 -10.14 2.49 -23.69
C ALA F 27 -11.52 3.13 -23.79
N GLN F 28 -12.56 2.31 -23.97
CA GLN F 28 -13.88 2.85 -24.27
C GLN F 28 -14.46 3.66 -23.13
N ALA F 29 -13.93 3.50 -21.91
CA ALA F 29 -14.36 4.37 -20.81
C ALA F 29 -14.18 5.84 -21.17
N ARG F 30 -12.94 6.27 -21.36
CA ARG F 30 -12.68 7.66 -21.70
C ARG F 30 -13.22 8.00 -23.09
N ILE F 31 -13.17 7.03 -24.02
CA ILE F 31 -13.65 7.31 -25.38
C ILE F 31 -15.13 7.69 -25.36
N GLY F 32 -15.95 6.84 -24.73
CA GLY F 32 -17.37 7.10 -24.72
C GLY F 32 -17.75 8.25 -23.79
N ALA F 33 -16.92 8.53 -22.78
CA ALA F 33 -17.16 9.70 -21.96
C ALA F 33 -17.07 10.98 -22.80
N ALA F 34 -15.98 11.11 -23.55
CA ALA F 34 -15.84 12.26 -24.43
C ALA F 34 -16.92 12.29 -25.51
N GLY F 35 -17.25 11.12 -26.05
CA GLY F 35 -18.28 11.05 -27.08
C GLY F 35 -19.65 11.45 -26.59
N VAL F 36 -20.02 11.02 -25.39
CA VAL F 36 -21.34 11.36 -24.86
C VAL F 36 -21.38 12.83 -24.46
N GLY F 37 -20.25 13.40 -24.02
CA GLY F 37 -20.20 14.84 -23.84
C GLY F 37 -20.45 15.60 -25.13
N ALA F 38 -19.82 15.13 -26.22
CA ALA F 38 -20.00 15.77 -27.51
C ALA F 38 -21.44 15.66 -28.00
N ILE F 39 -22.05 14.48 -27.89
CA ILE F 39 -23.42 14.30 -28.35
C ILE F 39 -24.38 15.04 -27.43
N ALA F 40 -23.96 15.29 -26.19
CA ALA F 40 -24.78 16.11 -25.31
C ALA F 40 -24.78 17.56 -25.76
N GLU F 41 -23.63 18.11 -26.12
CA GLU F 41 -23.59 19.56 -26.31
C GLU F 41 -23.88 19.94 -27.76
N ASP F 42 -23.84 18.97 -28.68
CA ASP F 42 -23.96 19.37 -30.09
C ASP F 42 -25.14 18.66 -30.76
N ARG F 43 -25.30 17.36 -30.50
CA ARG F 43 -26.38 16.48 -30.99
C ARG F 43 -26.19 16.12 -32.47
N SER F 44 -25.16 16.66 -33.13
CA SER F 44 -24.93 16.31 -34.53
C SER F 44 -23.71 15.44 -34.73
N ASN F 45 -22.90 15.26 -33.69
CA ASN F 45 -21.71 14.41 -33.83
C ASN F 45 -21.99 12.95 -33.51
N PHE F 46 -23.23 12.49 -33.74
CA PHE F 46 -23.61 11.14 -33.37
C PHE F 46 -22.80 10.09 -34.14
N GLY F 47 -22.71 10.24 -35.46
CA GLY F 47 -21.99 9.26 -36.25
C GLY F 47 -20.51 9.22 -35.93
N THR F 48 -19.88 10.39 -35.78
CA THR F 48 -18.46 10.45 -35.46
C THR F 48 -18.19 9.87 -34.08
N ALA F 49 -19.03 10.19 -33.10
CA ALA F 49 -18.86 9.64 -31.76
C ALA F 49 -19.03 8.12 -31.77
N LEU F 50 -20.00 7.62 -32.53
CA LEU F 50 -20.21 6.17 -32.60
C LEU F 50 -19.05 5.45 -33.27
N ILE F 51 -18.51 5.99 -34.36
CA ILE F 51 -17.38 5.27 -34.96
C ILE F 51 -16.15 5.37 -34.07
N PHE F 52 -15.97 6.52 -33.39
CA PHE F 52 -14.83 6.67 -32.50
C PHE F 52 -14.91 5.71 -31.32
N LEU F 53 -16.13 5.47 -30.82
CA LEU F 53 -16.31 4.52 -29.73
C LEU F 53 -16.26 3.09 -30.23
N LEU F 54 -16.66 2.84 -31.48
CA LEU F 54 -16.80 1.47 -31.94
C LEU F 54 -15.58 0.99 -32.71
N LEU F 55 -14.55 1.82 -32.82
CA LEU F 55 -13.30 1.32 -33.40
C LEU F 55 -12.44 0.46 -32.45
N PRO F 56 -12.21 0.80 -31.17
CA PRO F 56 -11.13 0.11 -30.45
C PRO F 56 -11.45 -1.31 -30.00
N GLU F 57 -12.52 -1.94 -30.47
CA GLU F 57 -12.80 -3.33 -30.10
C GLU F 57 -12.00 -4.32 -30.93
N THR F 58 -11.14 -3.82 -31.83
CA THR F 58 -10.25 -4.70 -32.59
C THR F 58 -9.54 -5.68 -31.69
N LEU F 59 -9.16 -5.21 -30.50
CA LEU F 59 -8.50 -6.04 -29.51
C LEU F 59 -9.30 -7.28 -29.17
N VAL F 60 -10.62 -7.11 -28.96
CA VAL F 60 -11.39 -8.31 -28.61
C VAL F 60 -11.64 -9.18 -29.83
N ILE F 61 -11.70 -8.64 -31.05
CA ILE F 61 -11.73 -9.60 -32.15
C ILE F 61 -10.45 -10.42 -32.24
N PHE F 62 -9.26 -9.82 -32.04
CA PHE F 62 -8.10 -10.72 -32.01
C PHE F 62 -8.14 -11.63 -30.79
N GLY F 63 -8.83 -11.21 -29.73
CA GLY F 63 -8.99 -12.08 -28.57
C GLY F 63 -9.77 -13.35 -28.89
N LEU F 64 -10.93 -13.20 -29.54
CA LEU F 64 -11.65 -14.41 -29.94
C LEU F 64 -10.92 -15.19 -31.03
N LEU F 65 -10.12 -14.52 -31.87
CA LEU F 65 -9.33 -15.29 -32.83
C LEU F 65 -8.29 -16.18 -32.14
N ILE F 66 -7.56 -15.62 -31.17
CA ILE F 66 -6.49 -16.39 -30.55
C ILE F 66 -7.12 -17.50 -29.67
N ALA F 67 -8.24 -17.17 -29.03
CA ALA F 67 -8.98 -18.19 -28.26
C ALA F 67 -9.51 -19.29 -29.16
N PHE F 68 -9.98 -18.92 -30.36
CA PHE F 68 -10.53 -19.90 -31.29
C PHE F 68 -9.43 -20.82 -31.81
N ILE F 69 -8.24 -20.27 -32.07
CA ILE F 69 -7.17 -21.12 -32.61
C ILE F 69 -6.65 -22.08 -31.53
N LEU F 70 -6.63 -21.63 -30.26
CA LEU F 70 -6.36 -22.62 -29.20
C LEU F 70 -7.48 -23.62 -29.04
N ASN F 71 -8.73 -23.20 -29.26
CA ASN F 71 -9.85 -24.14 -29.14
C ASN F 71 -9.76 -25.22 -30.21
N GLY F 72 -9.36 -24.83 -31.42
CA GLY F 72 -9.08 -25.81 -32.46
C GLY F 72 -7.87 -26.68 -32.15
N ARG F 73 -6.85 -26.09 -31.52
CA ARG F 73 -5.65 -26.86 -31.21
C ARG F 73 -5.86 -27.82 -30.04
N LEU F 74 -6.91 -27.61 -29.26
CA LEU F 74 -7.19 -28.48 -28.12
C LEU F 74 -7.65 -29.85 -28.59
N GLY G 2 4.14 -34.74 -25.30
CA GLY G 2 2.87 -34.17 -24.87
C GLY G 2 2.73 -34.08 -23.36
N GLY G 3 2.43 -32.88 -22.86
CA GLY G 3 2.30 -32.68 -21.43
C GLY G 3 2.19 -31.23 -21.04
N LEU G 4 2.98 -30.82 -20.04
CA LEU G 4 2.90 -29.45 -19.53
C LEU G 4 3.36 -28.44 -20.58
N ASP G 5 4.23 -28.87 -21.50
CA ASP G 5 4.85 -27.94 -22.46
C ASP G 5 3.81 -27.31 -23.37
N ARG G 6 2.83 -28.08 -23.83
CA ARG G 6 1.83 -27.58 -24.78
C ARG G 6 0.96 -26.48 -24.15
N GLY G 7 0.38 -26.76 -22.99
CA GLY G 7 -0.43 -25.74 -22.35
C GLY G 7 0.41 -24.58 -21.85
N LEU G 8 1.69 -24.83 -21.60
CA LEU G 8 2.56 -23.77 -21.10
C LEU G 8 2.97 -22.81 -22.22
N ILE G 9 3.23 -23.33 -23.42
CA ILE G 9 3.46 -22.40 -24.53
C ILE G 9 2.15 -21.68 -24.86
N ALA G 10 1.02 -22.37 -24.67
CA ALA G 10 -0.28 -21.72 -24.87
C ALA G 10 -0.50 -20.54 -23.92
N VAL G 11 -0.17 -20.70 -22.63
CA VAL G 11 -0.36 -19.58 -21.72
C VAL G 11 0.66 -18.49 -22.00
N GLY G 12 1.83 -18.85 -22.56
CA GLY G 12 2.73 -17.83 -23.08
C GLY G 12 2.08 -16.98 -24.15
N MET G 13 1.42 -17.64 -25.12
CA MET G 13 0.66 -16.94 -26.15
C MET G 13 -0.36 -16.00 -25.52
N GLY G 14 -1.11 -16.52 -24.55
CA GLY G 14 -2.16 -15.74 -23.94
C GLY G 14 -1.65 -14.50 -23.24
N LEU G 15 -0.57 -14.66 -22.45
CA LEU G 15 0.05 -13.51 -21.80
C LEU G 15 0.45 -12.45 -22.82
N ALA G 16 1.11 -12.88 -23.91
CA ALA G 16 1.59 -11.92 -24.90
C ALA G 16 0.45 -11.09 -25.48
N VAL G 17 -0.56 -11.76 -26.03
CA VAL G 17 -1.65 -11.03 -26.69
C VAL G 17 -2.43 -10.19 -25.69
N GLY G 18 -2.71 -10.74 -24.51
CA GLY G 18 -3.54 -10.02 -23.54
C GLY G 18 -2.88 -8.75 -23.03
N LEU G 19 -1.58 -8.83 -22.70
CA LEU G 19 -0.92 -7.65 -22.18
C LEU G 19 -0.68 -6.62 -23.28
N ALA G 20 -0.44 -7.06 -24.52
CA ALA G 20 -0.37 -6.09 -25.61
C ALA G 20 -1.69 -5.34 -25.78
N ALA G 21 -2.81 -6.07 -25.72
CA ALA G 21 -4.12 -5.44 -25.83
C ALA G 21 -4.37 -4.48 -24.68
N LEU G 22 -3.97 -4.85 -23.47
CA LEU G 22 -4.16 -3.96 -22.33
C LEU G 22 -3.36 -2.67 -22.48
N GLY G 23 -2.10 -2.78 -22.91
CA GLY G 23 -1.28 -1.60 -23.09
C GLY G 23 -1.84 -0.65 -24.13
N THR G 24 -2.27 -1.19 -25.27
CA THR G 24 -2.82 -0.29 -26.28
C THR G 24 -4.18 0.25 -25.87
N GLY G 25 -4.93 -0.49 -25.06
CA GLY G 25 -6.17 0.07 -24.53
C GLY G 25 -5.90 1.31 -23.70
N VAL G 26 -4.89 1.22 -22.84
CA VAL G 26 -4.44 2.38 -22.08
C VAL G 26 -4.03 3.51 -23.02
N ALA G 27 -3.39 3.16 -24.14
CA ALA G 27 -2.91 4.19 -25.07
C ALA G 27 -4.07 4.95 -25.72
N GLN G 28 -4.87 4.27 -26.55
CA GLN G 28 -5.90 5.04 -27.26
C GLN G 28 -7.06 5.46 -26.36
N ALA G 29 -7.07 5.08 -25.07
CA ALA G 29 -7.99 5.75 -24.15
C ALA G 29 -7.77 7.27 -24.17
N ARG G 30 -6.60 7.71 -23.70
CA ARG G 30 -6.31 9.14 -23.68
C ARG G 30 -6.18 9.69 -25.10
N ILE G 31 -5.63 8.89 -26.02
CA ILE G 31 -5.46 9.37 -27.39
C ILE G 31 -6.80 9.74 -28.00
N GLY G 32 -7.79 8.84 -27.92
CA GLY G 32 -9.06 9.12 -28.54
C GLY G 32 -9.89 10.12 -27.76
N ALA G 33 -9.64 10.25 -26.45
CA ALA G 33 -10.27 11.34 -25.72
C ALA G 33 -9.86 12.70 -26.28
N ALA G 34 -8.55 12.90 -26.42
CA ALA G 34 -8.06 14.16 -27.01
C ALA G 34 -8.52 14.31 -28.45
N GLY G 35 -8.53 13.21 -29.21
CA GLY G 35 -8.94 13.26 -30.60
C GLY G 35 -10.40 13.63 -30.77
N VAL G 36 -11.27 13.10 -29.91
CA VAL G 36 -12.69 13.41 -29.99
C VAL G 36 -12.92 14.87 -29.61
N GLY G 37 -12.19 15.36 -28.60
CA GLY G 37 -12.29 16.79 -28.27
C GLY G 37 -11.87 17.67 -29.44
N ALA G 38 -10.78 17.30 -30.11
CA ALA G 38 -10.30 18.07 -31.25
C ALA G 38 -11.30 18.03 -32.41
N ILE G 39 -11.89 16.84 -32.66
CA ILE G 39 -12.90 16.70 -33.69
C ILE G 39 -14.10 17.59 -33.38
N ALA G 40 -14.48 17.64 -32.10
CA ALA G 40 -15.61 18.44 -31.69
C ALA G 40 -15.35 19.92 -31.93
N GLU G 41 -14.16 20.42 -31.58
CA GLU G 41 -14.03 21.88 -31.54
C GLU G 41 -13.53 22.44 -32.87
N ASP G 42 -12.93 21.60 -33.72
CA ASP G 42 -12.33 22.18 -34.92
C ASP G 42 -12.89 21.60 -36.22
N ARG G 43 -13.14 20.28 -36.27
CA ARG G 43 -13.81 19.59 -37.37
C ARG G 43 -12.91 19.48 -38.61
N SER G 44 -11.74 20.14 -38.58
CA SER G 44 -10.82 20.04 -39.71
C SER G 44 -9.62 19.16 -39.40
N ASN G 45 -9.45 18.75 -38.14
CA ASN G 45 -8.29 17.93 -37.76
C ASN G 45 -8.60 16.45 -37.87
N PHE G 46 -9.52 16.06 -38.75
CA PHE G 46 -9.94 14.66 -38.86
C PHE G 46 -8.79 13.75 -39.24
N GLY G 47 -8.03 14.11 -40.28
CA GLY G 47 -6.94 13.26 -40.71
C GLY G 47 -5.88 13.09 -39.63
N THR G 48 -5.50 14.20 -38.98
CA THR G 48 -4.49 14.16 -37.93
C THR G 48 -4.96 13.34 -36.75
N ALA G 49 -6.21 13.52 -36.32
CA ALA G 49 -6.74 12.76 -35.19
C ALA G 49 -6.75 11.27 -35.50
N LEU G 50 -7.17 10.90 -36.71
CA LEU G 50 -7.19 9.49 -37.06
C LEU G 50 -5.79 8.88 -37.14
N ILE G 51 -4.81 9.54 -37.77
CA ILE G 51 -3.48 8.91 -37.80
C ILE G 51 -2.93 8.80 -36.39
N PHE G 52 -3.12 9.86 -35.59
CA PHE G 52 -2.63 9.89 -34.22
C PHE G 52 -3.27 8.81 -33.38
N LEU G 53 -4.48 8.37 -33.74
CA LEU G 53 -5.10 7.28 -32.98
C LEU G 53 -4.73 5.93 -33.57
N LEU G 54 -4.43 5.86 -34.87
CA LEU G 54 -4.08 4.56 -35.43
C LEU G 54 -2.56 4.34 -35.54
N LEU G 55 -1.73 5.08 -34.79
CA LEU G 55 -0.44 4.48 -34.47
C LEU G 55 -0.51 3.28 -33.50
N PRO G 56 -1.09 3.39 -32.30
CA PRO G 56 -0.74 2.42 -31.23
C PRO G 56 -1.30 1.01 -31.39
N GLU G 57 -1.68 0.53 -32.58
CA GLU G 57 -1.93 -0.91 -32.71
C GLU G 57 -0.69 -1.67 -33.19
N THR G 58 0.45 -0.98 -33.31
CA THR G 58 1.69 -1.68 -33.57
C THR G 58 1.97 -2.74 -32.51
N LEU G 59 1.69 -2.41 -31.25
CA LEU G 59 1.91 -3.33 -30.15
C LEU G 59 1.13 -4.63 -30.33
N VAL G 60 -0.15 -4.52 -30.72
CA VAL G 60 -0.91 -5.75 -30.91
C VAL G 60 -0.46 -6.50 -32.14
N ILE G 61 0.03 -5.83 -33.19
CA ILE G 61 0.43 -6.64 -34.35
C ILE G 61 1.74 -7.37 -34.04
N PHE G 62 2.67 -6.76 -33.28
CA PHE G 62 3.81 -7.60 -32.87
C PHE G 62 3.34 -8.73 -31.97
N GLY G 63 2.42 -8.46 -31.04
CA GLY G 63 1.93 -9.51 -30.15
C GLY G 63 1.33 -10.67 -30.92
N LEU G 64 0.64 -10.37 -32.02
CA LEU G 64 0.19 -11.42 -32.93
C LEU G 64 1.37 -12.14 -33.58
N LEU G 65 2.48 -11.43 -33.86
CA LEU G 65 3.64 -12.16 -34.38
C LEU G 65 4.22 -13.14 -33.36
N ILE G 66 4.33 -12.75 -32.08
CA ILE G 66 4.79 -13.75 -31.10
C ILE G 66 3.78 -14.89 -30.97
N ALA G 67 2.48 -14.58 -30.98
CA ALA G 67 1.48 -15.65 -30.94
C ALA G 67 1.65 -16.60 -32.13
N PHE G 68 1.91 -16.06 -33.31
CA PHE G 68 2.07 -16.87 -34.51
C PHE G 68 3.33 -17.72 -34.46
N ILE G 69 4.46 -17.18 -33.95
CA ILE G 69 5.69 -17.97 -33.99
C ILE G 69 5.60 -19.11 -32.98
N LEU G 70 5.00 -18.86 -31.80
CA LEU G 70 4.79 -19.99 -30.90
C LEU G 70 3.74 -20.97 -31.44
N ASN G 71 2.78 -20.47 -32.23
CA ASN G 71 1.83 -21.36 -32.89
C ASN G 71 2.57 -22.30 -33.84
N GLY G 72 3.50 -21.75 -34.63
CA GLY G 72 4.33 -22.57 -35.48
C GLY G 72 5.26 -23.49 -34.71
N ARG G 73 5.73 -23.05 -33.55
CA ARG G 73 6.58 -23.89 -32.71
C ARG G 73 5.83 -25.09 -32.18
N LEU G 74 4.54 -24.94 -31.89
CA LEU G 74 3.71 -26.07 -31.50
C LEU G 74 3.57 -27.01 -32.70
N GLY H 2 10.41 -33.03 -27.11
CA GLY H 2 11.23 -31.83 -27.10
C GLY H 2 11.76 -31.49 -25.71
N GLY H 3 11.13 -30.52 -25.06
CA GLY H 3 11.54 -30.11 -23.73
C GLY H 3 10.57 -29.20 -23.03
N LEU H 4 10.36 -29.44 -21.73
CA LEU H 4 9.54 -28.55 -20.91
C LEU H 4 10.17 -27.17 -20.79
N ASP H 5 11.50 -27.13 -20.66
CA ASP H 5 12.22 -25.89 -20.40
C ASP H 5 11.95 -24.85 -21.48
N ARG H 6 11.99 -25.28 -22.75
CA ARG H 6 11.63 -24.40 -23.86
C ARG H 6 10.20 -23.89 -23.69
N GLY H 7 9.32 -24.73 -23.13
CA GLY H 7 7.99 -24.28 -22.81
C GLY H 7 7.98 -23.10 -21.85
N LEU H 8 8.78 -23.18 -20.78
CA LEU H 8 8.77 -22.02 -19.86
C LEU H 8 9.49 -20.81 -20.45
N ILE H 9 10.49 -21.02 -21.31
CA ILE H 9 11.03 -19.87 -22.04
C ILE H 9 9.95 -19.19 -22.86
N ALA H 10 9.01 -19.97 -23.43
CA ALA H 10 7.94 -19.36 -24.20
C ALA H 10 7.08 -18.41 -23.36
N VAL H 11 6.75 -18.82 -22.12
CA VAL H 11 6.03 -17.92 -21.22
C VAL H 11 6.88 -16.70 -20.92
N GLY H 12 8.19 -16.90 -20.80
CA GLY H 12 9.09 -15.76 -20.62
C GLY H 12 8.99 -14.76 -21.76
N MET H 13 8.99 -15.25 -23.01
CA MET H 13 8.82 -14.38 -24.17
C MET H 13 7.53 -13.58 -24.06
N GLY H 14 6.43 -14.30 -23.85
CA GLY H 14 5.13 -13.65 -23.87
C GLY H 14 4.98 -12.59 -22.81
N LEU H 15 5.38 -12.91 -21.57
CA LEU H 15 5.27 -11.95 -20.48
C LEU H 15 6.23 -10.77 -20.69
N ALA H 16 7.41 -11.03 -21.26
CA ALA H 16 8.36 -9.96 -21.50
C ALA H 16 7.82 -8.95 -22.50
N VAL H 17 7.35 -9.43 -23.66
CA VAL H 17 6.87 -8.49 -24.67
C VAL H 17 5.60 -7.82 -24.18
N GLY H 18 4.80 -8.52 -23.37
CA GLY H 18 3.60 -7.92 -22.83
C GLY H 18 3.88 -6.77 -21.89
N LEU H 19 4.85 -6.95 -20.98
CA LEU H 19 5.21 -5.86 -20.08
C LEU H 19 5.83 -4.70 -20.86
N ALA H 20 6.64 -4.99 -21.88
CA ALA H 20 7.22 -3.93 -22.69
C ALA H 20 6.13 -3.13 -23.39
N ALA H 21 5.15 -3.82 -23.97
CA ALA H 21 4.03 -3.15 -24.62
C ALA H 21 3.23 -2.33 -23.62
N LEU H 22 3.02 -2.87 -22.42
CA LEU H 22 2.31 -2.13 -21.38
C LEU H 22 3.01 -0.82 -21.07
N GLY H 23 4.32 -0.86 -20.86
CA GLY H 23 5.06 0.35 -20.53
C GLY H 23 5.02 1.38 -21.64
N THR H 24 5.27 0.94 -22.89
CA THR H 24 5.29 1.93 -23.96
C THR H 24 3.91 2.49 -24.24
N GLY H 25 2.85 1.69 -24.09
CA GLY H 25 1.51 2.21 -24.28
C GLY H 25 1.13 3.22 -23.21
N VAL H 26 1.53 2.95 -21.96
CA VAL H 26 1.33 3.92 -20.88
C VAL H 26 2.03 5.23 -21.21
N ALA H 27 3.23 5.15 -21.80
CA ALA H 27 3.89 6.37 -22.25
C ALA H 27 3.10 7.07 -23.36
N GLN H 28 2.79 6.32 -24.44
CA GLN H 28 2.21 6.93 -25.64
C GLN H 28 0.87 7.57 -25.38
N ALA H 29 0.10 7.05 -24.42
CA ALA H 29 -1.17 7.67 -24.07
C ALA H 29 -1.00 9.16 -23.75
N ARG H 30 -0.18 9.45 -22.74
CA ARG H 30 -0.03 10.84 -22.31
C ARG H 30 0.68 11.69 -23.36
N ILE H 31 1.76 11.18 -23.96
CA ILE H 31 2.51 12.06 -24.85
C ILE H 31 1.70 12.35 -26.11
N GLY H 32 0.99 11.34 -26.62
CA GLY H 32 0.17 11.55 -27.79
C GLY H 32 -1.03 12.44 -27.52
N ALA H 33 -1.60 12.37 -26.31
CA ALA H 33 -2.68 13.28 -25.97
C ALA H 33 -2.20 14.73 -25.99
N ALA H 34 -1.06 14.99 -25.34
CA ALA H 34 -0.52 16.35 -25.36
C ALA H 34 -0.14 16.77 -26.78
N GLY H 35 0.41 15.86 -27.57
CA GLY H 35 0.76 16.19 -28.94
C GLY H 35 -0.45 16.46 -29.82
N VAL H 36 -1.55 15.74 -29.58
CA VAL H 36 -2.79 16.00 -30.31
C VAL H 36 -3.32 17.39 -29.98
N GLY H 37 -3.29 17.77 -28.70
CA GLY H 37 -3.66 19.13 -28.35
C GLY H 37 -2.79 20.18 -29.04
N ALA H 38 -1.47 19.94 -29.03
CA ALA H 38 -0.55 20.86 -29.68
C ALA H 38 -0.78 20.94 -31.19
N ILE H 39 -1.08 19.82 -31.84
CA ILE H 39 -1.35 19.82 -33.28
C ILE H 39 -2.63 20.56 -33.58
N ALA H 40 -3.66 20.34 -32.76
CA ALA H 40 -4.93 21.01 -32.96
C ALA H 40 -4.80 22.52 -32.82
N GLU H 41 -3.94 22.98 -31.91
CA GLU H 41 -3.84 24.42 -31.70
C GLU H 41 -2.80 25.05 -32.63
N ASP H 42 -1.83 24.28 -33.11
CA ASP H 42 -0.72 24.89 -33.85
C ASP H 42 -0.62 24.39 -35.28
N ARG H 43 -0.53 23.06 -35.47
CA ARG H 43 -0.42 22.35 -36.75
C ARG H 43 0.96 22.53 -37.38
N SER H 44 1.76 23.46 -36.86
CA SER H 44 3.08 23.67 -37.45
C SER H 44 4.14 22.82 -36.79
N ASN H 45 3.85 22.28 -35.60
CA ASN H 45 4.81 21.43 -34.90
C ASN H 45 4.59 19.96 -35.19
N PHE H 46 4.13 19.62 -36.40
CA PHE H 46 3.73 18.25 -36.70
C PHE H 46 4.90 17.28 -36.62
N GLY H 47 6.07 17.68 -37.14
CA GLY H 47 7.25 16.83 -37.06
C GLY H 47 7.68 16.57 -35.64
N THR H 48 7.65 17.61 -34.81
CA THR H 48 8.00 17.44 -33.40
C THR H 48 7.02 16.51 -32.70
N ALA H 49 5.73 16.69 -32.95
CA ALA H 49 4.72 15.83 -32.32
C ALA H 49 4.92 14.38 -32.72
N LEU H 50 5.18 14.13 -34.01
CA LEU H 50 5.35 12.74 -34.42
C LEU H 50 6.61 12.15 -33.80
N ILE H 51 7.74 12.87 -33.85
CA ILE H 51 8.98 12.26 -33.33
C ILE H 51 8.87 12.02 -31.83
N PHE H 52 8.22 12.93 -31.09
CA PHE H 52 7.99 12.68 -29.67
C PHE H 52 7.07 11.48 -29.44
N LEU H 53 6.21 11.16 -30.41
CA LEU H 53 5.49 9.89 -30.28
C LEU H 53 6.34 8.70 -30.73
N LEU H 54 7.28 8.93 -31.64
CA LEU H 54 8.09 7.82 -32.16
C LEU H 54 9.43 7.65 -31.44
N LEU H 55 9.63 8.21 -30.25
CA LEU H 55 10.64 7.59 -29.37
C LEU H 55 10.20 6.28 -28.70
N PRO H 56 8.98 6.14 -28.15
CA PRO H 56 8.73 4.96 -27.28
C PRO H 56 8.69 3.57 -27.95
N GLU H 57 9.12 3.39 -29.19
CA GLU H 57 9.19 2.02 -29.71
C GLU H 57 10.49 1.33 -29.30
N THR H 58 11.40 2.06 -28.64
CA THR H 58 12.62 1.40 -28.17
C THR H 58 12.31 0.32 -27.15
N LEU H 59 11.38 0.59 -26.23
CA LEU H 59 11.05 -0.37 -25.19
C LEU H 59 10.47 -1.66 -25.78
N VAL H 60 9.78 -1.57 -26.92
CA VAL H 60 9.29 -2.81 -27.52
C VAL H 60 10.35 -3.46 -28.40
N ILE H 61 11.27 -2.71 -29.02
CA ILE H 61 12.23 -3.40 -29.87
C ILE H 61 13.27 -4.12 -29.03
N PHE H 62 13.58 -3.61 -27.82
CA PHE H 62 14.37 -4.46 -26.93
C PHE H 62 13.63 -5.73 -26.57
N GLY H 63 12.32 -5.63 -26.34
CA GLY H 63 11.54 -6.82 -26.03
C GLY H 63 11.56 -7.84 -27.16
N LEU H 64 11.43 -7.38 -28.40
CA LEU H 64 11.56 -8.28 -29.54
C LEU H 64 12.99 -8.81 -29.69
N LEU H 65 13.98 -8.06 -29.18
CA LEU H 65 15.35 -8.57 -29.23
C LEU H 65 15.53 -9.72 -28.24
N ILE H 66 14.97 -9.58 -27.03
CA ILE H 66 14.93 -10.71 -26.10
C ILE H 66 14.16 -11.88 -26.72
N ALA H 67 13.07 -11.57 -27.43
CA ALA H 67 12.31 -12.60 -28.11
C ALA H 67 13.15 -13.34 -29.14
N PHE H 68 13.94 -12.60 -29.93
CA PHE H 68 14.73 -13.25 -30.97
C PHE H 68 15.86 -14.08 -30.38
N ILE H 69 16.52 -13.58 -29.32
CA ILE H 69 17.63 -14.35 -28.76
C ILE H 69 17.14 -15.61 -28.04
N LEU H 70 16.05 -15.53 -27.28
CA LEU H 70 15.58 -16.76 -26.64
C LEU H 70 14.83 -17.65 -27.63
N ASN H 71 14.37 -17.09 -28.76
CA ASN H 71 13.87 -17.93 -29.85
C ASN H 71 14.99 -18.72 -30.49
N GLY H 72 16.17 -18.11 -30.64
CA GLY H 72 17.34 -18.86 -31.03
C GLY H 72 17.72 -19.90 -30.00
N ARG H 73 17.55 -19.59 -28.72
CA ARG H 73 17.71 -20.59 -27.66
C ARG H 73 16.69 -21.72 -27.79
N LEU H 74 15.54 -21.47 -28.40
CA LEU H 74 14.61 -22.55 -28.72
C LEU H 74 15.11 -23.38 -29.90
N GLY I 2 19.46 -30.23 -14.47
CA GLY I 2 19.45 -29.80 -15.85
C GLY I 2 18.05 -29.69 -16.43
N GLY I 3 17.90 -28.86 -17.47
CA GLY I 3 16.61 -28.71 -18.11
C GLY I 3 15.78 -27.56 -17.57
N LEU I 4 14.89 -27.87 -16.63
CA LEU I 4 13.90 -26.92 -16.12
C LEU I 4 14.52 -25.63 -15.60
N ASP I 5 15.73 -25.73 -15.03
CA ASP I 5 16.40 -24.55 -14.49
C ASP I 5 16.71 -23.54 -15.59
N ARG I 6 17.02 -24.01 -16.80
CA ARG I 6 17.29 -23.09 -17.90
C ARG I 6 16.05 -22.24 -18.22
N GLY I 7 14.89 -22.89 -18.30
CA GLY I 7 13.66 -22.13 -18.52
C GLY I 7 13.32 -21.20 -17.38
N LEU I 8 13.64 -21.60 -16.15
CA LEU I 8 13.40 -20.73 -15.01
C LEU I 8 14.29 -19.48 -15.07
N ILE I 9 15.56 -19.65 -15.43
CA ILE I 9 16.44 -18.51 -15.66
C ILE I 9 15.85 -17.62 -16.76
N ALA I 10 15.32 -18.25 -17.82
CA ALA I 10 14.81 -17.50 -18.95
C ALA I 10 13.60 -16.64 -18.58
N VAL I 11 12.65 -17.19 -17.82
CA VAL I 11 11.51 -16.39 -17.42
C VAL I 11 11.95 -15.29 -16.45
N GLY I 12 13.01 -15.55 -15.67
CA GLY I 12 13.61 -14.47 -14.90
C GLY I 12 14.11 -13.32 -15.77
N MET I 13 14.82 -13.65 -16.85
CA MET I 13 15.24 -12.65 -17.83
C MET I 13 14.05 -11.84 -18.33
N GLY I 14 12.99 -12.54 -18.73
CA GLY I 14 11.85 -11.87 -19.32
C GLY I 14 11.18 -10.91 -18.36
N LEU I 15 10.96 -11.34 -17.11
CA LEU I 15 10.32 -10.46 -16.15
C LEU I 15 11.21 -9.28 -15.80
N ALA I 16 12.53 -9.49 -15.78
CA ALA I 16 13.45 -8.39 -15.52
C ALA I 16 13.33 -7.30 -16.58
N VAL I 17 13.46 -7.68 -17.86
CA VAL I 17 13.47 -6.68 -18.91
C VAL I 17 12.08 -6.02 -19.01
N GLY I 18 11.02 -6.80 -18.84
CA GLY I 18 9.69 -6.25 -18.93
C GLY I 18 9.38 -5.25 -17.83
N LEU I 19 9.77 -5.56 -16.60
CA LEU I 19 9.51 -4.64 -15.50
C LEU I 19 10.33 -3.36 -15.65
N ALA I 20 11.59 -3.49 -16.11
CA ALA I 20 12.39 -2.30 -16.38
C ALA I 20 11.73 -1.42 -17.44
N ALA I 21 11.23 -2.03 -18.50
CA ALA I 21 10.55 -1.28 -19.56
C ALA I 21 9.29 -0.61 -19.03
N LEU I 22 8.52 -1.31 -18.19
CA LEU I 22 7.29 -0.73 -17.64
C LEU I 22 7.62 0.51 -16.80
N GLY I 23 8.61 0.40 -15.92
CA GLY I 23 8.98 1.54 -15.10
C GLY I 23 9.47 2.73 -15.90
N THR I 24 10.36 2.48 -16.86
CA THR I 24 10.89 3.61 -17.62
C THR I 24 9.82 4.25 -18.51
N GLY I 25 8.90 3.45 -19.07
CA GLY I 25 7.82 4.03 -19.86
C GLY I 25 6.87 4.86 -19.02
N VAL I 26 6.61 4.38 -17.79
CA VAL I 26 5.86 5.18 -16.82
C VAL I 26 6.55 6.52 -16.61
N ALA I 27 7.88 6.53 -16.61
CA ALA I 27 8.60 7.81 -16.53
C ALA I 27 8.38 8.67 -17.78
N GLN I 28 8.67 8.13 -18.98
CA GLN I 28 8.65 9.01 -20.15
C GLN I 28 7.25 9.51 -20.48
N ALA I 29 6.20 8.89 -19.93
CA ALA I 29 4.85 9.41 -20.14
C ALA I 29 4.75 10.87 -19.71
N ARG I 30 4.90 11.14 -18.41
CA ARG I 30 4.83 12.50 -17.91
C ARG I 30 6.00 13.33 -18.40
N ILE I 31 7.18 12.69 -18.55
CA ILE I 31 8.36 13.44 -18.98
C ILE I 31 8.13 14.07 -20.35
N GLY I 32 7.67 13.27 -21.31
CA GLY I 32 7.44 13.78 -22.64
C GLY I 32 6.20 14.65 -22.73
N ALA I 33 5.22 14.43 -21.85
CA ALA I 33 4.09 15.35 -21.81
C ALA I 33 4.55 16.78 -21.53
N ALA I 34 5.33 16.95 -20.46
CA ALA I 34 5.88 18.27 -20.17
C ALA I 34 6.83 18.73 -21.27
N GLY I 35 7.57 17.78 -21.87
CA GLY I 35 8.52 18.15 -22.91
C GLY I 35 7.86 18.74 -24.15
N VAL I 36 6.80 18.10 -24.63
CA VAL I 36 6.12 18.63 -25.81
C VAL I 36 5.30 19.86 -25.47
N GLY I 37 4.90 20.01 -24.20
CA GLY I 37 4.32 21.28 -23.80
C GLY I 37 5.30 22.43 -23.98
N ALA I 38 6.52 22.25 -23.47
CA ALA I 38 7.55 23.27 -23.61
C ALA I 38 7.94 23.46 -25.08
N ILE I 39 7.99 22.37 -25.84
CA ILE I 39 8.37 22.45 -27.25
C ILE I 39 7.34 23.25 -28.04
N ALA I 40 6.06 22.99 -27.79
CA ALA I 40 5.00 23.72 -28.49
C ALA I 40 5.01 25.19 -28.09
N GLU I 41 5.32 25.49 -26.82
CA GLU I 41 5.27 26.89 -26.41
C GLU I 41 6.49 27.67 -26.90
N ASP I 42 7.66 27.05 -26.96
CA ASP I 42 8.87 27.85 -27.11
C ASP I 42 9.65 27.55 -28.39
N ARG I 43 9.85 26.26 -28.70
CA ARG I 43 10.59 25.74 -29.87
C ARG I 43 12.10 25.96 -29.68
N SER I 44 12.50 26.69 -28.65
CA SER I 44 13.92 26.80 -28.36
C SER I 44 14.32 25.89 -27.19
N ASN I 45 13.36 25.15 -26.63
CA ASN I 45 13.65 24.23 -25.54
C ASN I 45 14.02 22.85 -26.05
N PHE I 46 14.44 22.72 -27.32
CA PHE I 46 14.57 21.41 -27.93
C PHE I 46 15.67 20.60 -27.25
N GLY I 47 16.84 21.20 -27.03
CA GLY I 47 17.94 20.45 -26.44
C GLY I 47 17.64 19.97 -25.03
N THR I 48 17.15 20.89 -24.18
CA THR I 48 16.85 20.53 -22.79
C THR I 48 15.73 19.52 -22.70
N ALA I 49 14.65 19.73 -23.46
CA ALA I 49 13.54 18.78 -23.46
C ALA I 49 14.00 17.42 -23.97
N LEU I 50 14.87 17.40 -24.98
CA LEU I 50 15.33 16.14 -25.54
C LEU I 50 16.20 15.36 -24.57
N ILE I 51 17.14 16.02 -23.89
CA ILE I 51 17.97 15.28 -22.95
C ILE I 51 17.13 14.82 -21.76
N PHE I 52 16.19 15.68 -21.33
CA PHE I 52 15.32 15.35 -20.22
C PHE I 52 14.45 14.14 -20.54
N LEU I 53 13.97 14.05 -21.77
CA LEU I 53 13.21 12.87 -22.19
C LEU I 53 14.11 11.66 -22.35
N LEU I 54 15.36 11.87 -22.79
CA LEU I 54 16.27 10.74 -22.98
C LEU I 54 16.61 10.05 -21.68
N LEU I 55 16.90 10.84 -20.62
CA LEU I 55 17.55 10.32 -19.41
C LEU I 55 16.99 9.03 -18.79
N PRO I 56 15.70 8.68 -18.90
CA PRO I 56 15.27 7.37 -18.38
C PRO I 56 15.63 6.17 -19.25
N GLU I 57 16.64 6.22 -20.12
CA GLU I 57 17.04 4.99 -20.81
C GLU I 57 17.91 4.13 -19.90
N THR I 58 18.37 4.71 -18.77
CA THR I 58 19.22 3.98 -17.85
C THR I 58 18.59 2.67 -17.40
N LEU I 59 17.35 2.71 -16.94
CA LEU I 59 16.69 1.52 -16.39
C LEU I 59 16.69 0.36 -17.39
N VAL I 60 16.44 0.66 -18.66
CA VAL I 60 16.44 -0.44 -19.62
C VAL I 60 17.86 -0.86 -20.00
N ILE I 61 18.87 0.00 -19.89
CA ILE I 61 20.20 -0.54 -20.16
C ILE I 61 20.69 -1.41 -19.00
N PHE I 62 20.32 -1.09 -17.74
CA PHE I 62 20.59 -2.13 -16.72
C PHE I 62 19.75 -3.39 -16.94
N GLY I 63 18.53 -3.24 -17.48
CA GLY I 63 17.73 -4.43 -17.77
C GLY I 63 18.39 -5.34 -18.79
N LEU I 64 18.87 -4.77 -19.89
CA LEU I 64 19.56 -5.61 -20.87
C LEU I 64 20.92 -6.02 -20.37
N LEU I 65 21.48 -5.31 -19.38
CA LEU I 65 22.73 -5.75 -18.76
C LEU I 65 22.53 -7.04 -17.98
N ILE I 66 21.52 -7.09 -17.11
CA ILE I 66 21.30 -8.32 -16.35
C ILE I 66 20.83 -9.43 -17.29
N ALA I 67 20.12 -9.05 -18.35
CA ALA I 67 19.81 -10.02 -19.41
C ALA I 67 21.08 -10.59 -20.02
N PHE I 68 22.08 -9.74 -20.26
CA PHE I 68 23.34 -10.20 -20.86
C PHE I 68 24.04 -11.17 -19.91
N ILE I 69 24.09 -10.84 -18.61
CA ILE I 69 24.76 -11.73 -17.65
C ILE I 69 24.05 -13.07 -17.56
N LEU I 70 22.71 -13.05 -17.49
CA LEU I 70 21.98 -14.31 -17.35
C LEU I 70 22.02 -15.12 -18.63
N ASN I 71 22.12 -14.47 -19.79
CA ASN I 71 22.29 -15.20 -21.03
C ASN I 71 23.66 -15.84 -21.11
N GLY I 72 24.70 -15.12 -20.64
CA GLY I 72 26.02 -15.71 -20.57
C GLY I 72 26.11 -16.89 -19.62
N ARG I 73 25.37 -16.83 -18.52
CA ARG I 73 25.26 -17.99 -17.64
C ARG I 73 24.49 -19.13 -18.30
N LEU I 74 23.53 -18.80 -19.16
CA LEU I 74 22.74 -19.81 -19.85
C LEU I 74 23.56 -20.52 -20.93
N GLY J 2 23.63 -28.60 -7.25
CA GLY J 2 22.72 -27.52 -7.60
C GLY J 2 21.45 -28.00 -8.24
N GLY J 3 21.27 -27.66 -9.50
CA GLY J 3 20.09 -28.10 -10.26
C GLY J 3 19.11 -26.95 -10.45
N LEU J 4 17.92 -27.09 -9.86
CA LEU J 4 16.86 -26.13 -10.09
C LEU J 4 17.08 -24.81 -9.36
N ASP J 5 17.91 -24.80 -8.31
CA ASP J 5 18.05 -23.62 -7.45
C ASP J 5 18.59 -22.42 -8.23
N ARG J 6 19.39 -22.68 -9.26
CA ARG J 6 19.92 -21.61 -10.11
C ARG J 6 18.78 -20.84 -10.77
N GLY J 7 17.71 -21.55 -11.17
CA GLY J 7 16.59 -20.88 -11.80
C GLY J 7 15.88 -19.90 -10.87
N LEU J 8 15.59 -20.32 -9.64
CA LEU J 8 14.90 -19.41 -8.73
C LEU J 8 15.80 -18.27 -8.26
N ILE J 9 17.11 -18.53 -8.08
CA ILE J 9 17.96 -17.40 -7.71
C ILE J 9 18.02 -16.40 -8.86
N ALA J 10 18.03 -16.86 -10.12
CA ALA J 10 18.00 -15.95 -11.25
C ALA J 10 16.69 -15.18 -11.32
N VAL J 11 15.57 -15.85 -11.02
CA VAL J 11 14.27 -15.19 -11.00
C VAL J 11 14.27 -14.08 -9.95
N GLY J 12 14.85 -14.36 -8.78
CA GLY J 12 14.97 -13.34 -7.75
C GLY J 12 15.81 -12.16 -8.20
N MET J 13 16.93 -12.44 -8.87
CA MET J 13 17.76 -11.39 -9.46
C MET J 13 16.90 -10.47 -10.33
N GLY J 14 16.18 -11.08 -11.27
CA GLY J 14 15.47 -10.33 -12.28
C GLY J 14 14.35 -9.50 -11.69
N LEU J 15 13.58 -10.09 -10.77
CA LEU J 15 12.47 -9.33 -10.21
C LEU J 15 12.96 -8.24 -9.27
N ALA J 16 14.08 -8.48 -8.56
CA ALA J 16 14.64 -7.45 -7.72
C ALA J 16 15.00 -6.21 -8.52
N VAL J 17 15.76 -6.39 -9.61
CA VAL J 17 16.12 -5.23 -10.42
C VAL J 17 14.87 -4.66 -11.08
N GLY J 18 13.89 -5.53 -11.37
CA GLY J 18 12.66 -5.08 -12.01
C GLY J 18 11.88 -4.08 -11.19
N LEU J 19 11.50 -4.45 -9.97
CA LEU J 19 10.73 -3.48 -9.19
C LEU J 19 11.59 -2.35 -8.65
N ALA J 20 12.92 -2.55 -8.55
CA ALA J 20 13.77 -1.40 -8.25
C ALA J 20 13.67 -0.33 -9.34
N ALA J 21 13.78 -0.76 -10.60
CA ALA J 21 13.61 0.16 -11.72
C ALA J 21 12.20 0.73 -11.75
N LEU J 22 11.20 -0.09 -11.45
CA LEU J 22 9.82 0.39 -11.46
C LEU J 22 9.64 1.54 -10.48
N GLY J 23 10.11 1.35 -9.24
CA GLY J 23 9.94 2.39 -8.24
C GLY J 23 10.68 3.67 -8.58
N THR J 24 11.94 3.53 -9.02
CA THR J 24 12.67 4.75 -9.36
C THR J 24 12.07 5.44 -10.57
N GLY J 25 11.47 4.69 -11.51
CA GLY J 25 10.82 5.32 -12.64
C GLY J 25 9.59 6.09 -12.26
N VAL J 26 8.78 5.54 -11.34
CA VAL J 26 7.63 6.29 -10.82
C VAL J 26 8.10 7.56 -10.15
N ALA J 27 9.24 7.51 -9.45
CA ALA J 27 9.79 8.75 -8.89
C ALA J 27 10.16 9.75 -9.98
N GLN J 28 11.02 9.32 -10.92
CA GLN J 28 11.58 10.26 -11.89
C GLN J 28 10.51 10.83 -12.81
N ALA J 29 9.38 10.16 -12.97
CA ALA J 29 8.30 10.70 -13.79
C ALA J 29 7.87 12.08 -13.29
N ARG J 30 7.34 12.16 -12.07
CA ARG J 30 6.90 13.43 -11.52
C ARG J 30 8.07 14.37 -11.31
N ILE J 31 9.23 13.84 -10.88
CA ILE J 31 10.37 14.71 -10.62
C ILE J 31 10.78 15.46 -11.87
N GLY J 32 11.00 14.74 -12.98
CA GLY J 32 11.46 15.38 -14.19
C GLY J 32 10.37 16.18 -14.88
N ALA J 33 9.10 15.82 -14.65
CA ALA J 33 8.03 16.65 -15.19
C ALA J 33 8.05 18.04 -14.59
N ALA J 34 8.11 18.12 -13.25
CA ALA J 34 8.21 19.42 -12.60
C ALA J 34 9.51 20.12 -12.97
N GLY J 35 10.60 19.36 -13.10
CA GLY J 35 11.87 19.95 -13.50
C GLY J 35 11.84 20.53 -14.90
N VAL J 36 11.13 19.86 -15.82
CA VAL J 36 11.00 20.36 -17.18
C VAL J 36 10.18 21.64 -17.19
N GLY J 37 9.14 21.69 -16.36
CA GLY J 37 8.42 22.95 -16.20
C GLY J 37 9.31 24.08 -15.72
N ALA J 38 10.14 23.78 -14.70
CA ALA J 38 11.05 24.80 -14.17
C ALA J 38 12.09 25.23 -15.19
N ILE J 39 12.61 24.29 -15.99
CA ILE J 39 13.63 24.65 -16.98
C ILE J 39 13.00 25.38 -18.16
N ALA J 40 11.71 25.12 -18.42
CA ALA J 40 11.01 25.87 -19.46
C ALA J 40 10.80 27.30 -19.01
N GLU J 41 10.57 27.52 -17.71
CA GLU J 41 10.39 28.87 -17.24
C GLU J 41 11.72 29.60 -17.11
N ASP J 42 12.61 29.11 -16.24
CA ASP J 42 13.70 29.93 -15.73
C ASP J 42 14.97 29.88 -16.57
N ARG J 43 15.37 28.68 -17.03
CA ARG J 43 16.61 28.38 -17.75
C ARG J 43 17.82 28.46 -16.80
N SER J 44 17.60 28.91 -15.56
CA SER J 44 18.68 28.97 -14.58
C SER J 44 18.57 27.91 -13.50
N ASN J 45 17.56 27.05 -13.56
CA ASN J 45 17.35 26.07 -12.50
C ASN J 45 17.97 24.71 -12.83
N PHE J 46 18.91 24.67 -13.79
CA PHE J 46 19.35 23.40 -14.35
C PHE J 46 20.09 22.54 -13.32
N GLY J 47 20.95 23.14 -12.50
CA GLY J 47 21.69 22.36 -11.53
C GLY J 47 20.79 21.72 -10.49
N THR J 48 19.84 22.50 -9.97
CA THR J 48 18.87 21.96 -9.02
C THR J 48 18.03 20.86 -9.65
N ALA J 49 17.63 21.06 -10.91
CA ALA J 49 16.83 20.05 -11.60
C ALA J 49 17.60 18.74 -11.76
N LEU J 50 18.87 18.81 -12.14
CA LEU J 50 19.64 17.57 -12.29
C LEU J 50 19.87 16.88 -10.94
N ILE J 51 20.20 17.61 -9.88
CA ILE J 51 20.45 16.90 -8.63
C ILE J 51 19.16 16.28 -8.12
N PHE J 52 18.04 16.97 -8.30
CA PHE J 52 16.76 16.42 -7.85
C PHE J 52 16.30 15.27 -8.74
N LEU J 53 16.81 15.17 -9.97
CA LEU J 53 16.36 14.06 -10.82
C LEU J 53 17.28 12.84 -10.65
N LEU J 54 18.58 13.04 -10.50
CA LEU J 54 19.46 11.89 -10.27
C LEU J 54 19.45 11.45 -8.81
N LEU J 55 18.85 12.24 -7.92
CA LEU J 55 18.72 11.79 -6.53
C LEU J 55 17.82 10.55 -6.39
N PRO J 56 16.66 10.45 -7.06
CA PRO J 56 15.96 9.16 -7.01
C PRO J 56 16.39 8.19 -8.09
N GLU J 57 17.50 8.44 -8.78
CA GLU J 57 18.05 7.37 -9.61
C GLU J 57 18.92 6.43 -8.80
N THR J 58 19.15 6.75 -7.53
CA THR J 58 20.05 5.93 -6.72
C THR J 58 19.41 4.64 -6.22
N LEU J 59 18.13 4.40 -6.53
CA LEU J 59 17.50 3.18 -6.04
C LEU J 59 17.91 1.94 -6.83
N VAL J 60 18.58 2.13 -7.97
CA VAL J 60 18.91 0.96 -8.80
C VAL J 60 20.23 0.32 -8.37
N ILE J 61 21.07 1.05 -7.63
CA ILE J 61 22.31 0.43 -7.15
C ILE J 61 22.04 -0.63 -6.08
N PHE J 62 21.06 -0.42 -5.20
CA PHE J 62 20.70 -1.54 -4.32
C PHE J 62 20.19 -2.75 -5.11
N GLY J 63 19.41 -2.52 -6.17
CA GLY J 63 18.98 -3.63 -7.00
C GLY J 63 20.15 -4.36 -7.64
N LEU J 64 21.13 -3.62 -8.15
CA LEU J 64 22.18 -4.32 -8.87
C LEU J 64 23.15 -4.98 -7.89
N LEU J 65 23.29 -4.46 -6.65
CA LEU J 65 24.22 -5.14 -5.75
C LEU J 65 23.57 -6.38 -5.15
N ILE J 66 22.25 -6.34 -4.91
CA ILE J 66 21.59 -7.56 -4.45
C ILE J 66 21.63 -8.62 -5.56
N ALA J 67 21.42 -8.20 -6.81
CA ALA J 67 21.58 -9.13 -7.94
C ALA J 67 23.01 -9.63 -8.03
N PHE J 68 23.99 -8.77 -7.75
CA PHE J 68 25.39 -9.16 -7.84
C PHE J 68 25.78 -10.16 -6.76
N ILE J 69 25.25 -10.00 -5.54
CA ILE J 69 25.67 -10.92 -4.47
C ILE J 69 24.91 -12.23 -4.59
N LEU J 70 23.78 -12.24 -5.31
CA LEU J 70 23.26 -13.53 -5.76
C LEU J 70 24.08 -14.09 -6.93
N ASN J 71 24.63 -13.22 -7.77
CA ASN J 71 25.43 -13.69 -8.90
C ASN J 71 26.71 -14.34 -8.44
N GLY J 72 27.28 -13.85 -7.33
CA GLY J 72 28.42 -14.51 -6.73
C GLY J 72 28.12 -15.92 -6.28
N ARG J 73 26.91 -16.16 -5.78
CA ARG J 73 26.50 -17.52 -5.43
C ARG J 73 26.17 -18.34 -6.66
N LEU J 74 25.68 -17.70 -7.71
CA LEU J 74 25.33 -18.41 -8.95
C LEU J 74 26.59 -18.87 -9.67
N GLY K 3 20.13 -27.23 0.58
CA GLY K 3 19.97 -27.84 -0.73
C GLY K 3 19.17 -26.98 -1.69
N LEU K 4 17.97 -27.45 -2.04
CA LEU K 4 17.12 -26.71 -2.97
C LEU K 4 16.40 -25.54 -2.29
N ASP K 5 16.47 -25.44 -0.96
CA ASP K 5 15.78 -24.38 -0.26
C ASP K 5 16.45 -23.02 -0.47
N ARG K 6 17.63 -23.01 -1.09
CA ARG K 6 18.40 -21.78 -1.22
C ARG K 6 17.75 -20.81 -2.20
N GLY K 7 17.10 -21.33 -3.25
CA GLY K 7 16.55 -20.47 -4.29
C GLY K 7 15.38 -19.62 -3.81
N LEU K 8 14.48 -20.22 -3.03
CA LEU K 8 13.35 -19.47 -2.52
C LEU K 8 13.79 -18.37 -1.54
N ILE K 9 14.91 -18.60 -0.84
CA ILE K 9 15.52 -17.54 -0.05
C ILE K 9 15.87 -16.35 -0.94
N ALA K 10 16.45 -16.63 -2.12
CA ALA K 10 16.82 -15.57 -3.05
C ALA K 10 15.60 -14.84 -3.61
N VAL K 11 14.53 -15.57 -3.92
CA VAL K 11 13.35 -14.90 -4.44
C VAL K 11 12.67 -14.06 -3.36
N GLY K 12 12.79 -14.48 -2.10
CA GLY K 12 12.34 -13.65 -1.00
C GLY K 12 13.16 -12.38 -0.86
N MET K 13 14.49 -12.51 -0.96
CA MET K 13 15.39 -11.35 -1.07
C MET K 13 14.84 -10.37 -2.08
N GLY K 14 14.61 -10.87 -3.30
CA GLY K 14 14.26 -10.00 -4.41
C GLY K 14 12.93 -9.30 -4.22
N LEU K 15 11.90 -10.02 -3.80
CA LEU K 15 10.60 -9.35 -3.67
C LEU K 15 10.62 -8.35 -2.53
N ALA K 16 11.36 -8.66 -1.46
CA ALA K 16 11.48 -7.70 -0.36
C ALA K 16 12.13 -6.39 -0.82
N VAL K 17 13.28 -6.49 -1.50
CA VAL K 17 13.98 -5.27 -1.86
C VAL K 17 13.20 -4.51 -2.92
N GLY K 18 12.58 -5.23 -3.87
CA GLY K 18 11.83 -4.57 -4.92
C GLY K 18 10.61 -3.83 -4.41
N LEU K 19 9.88 -4.46 -3.49
CA LEU K 19 8.72 -3.80 -2.89
C LEU K 19 9.14 -2.56 -2.10
N ALA K 20 10.22 -2.66 -1.32
CA ALA K 20 10.68 -1.50 -0.55
C ALA K 20 11.09 -0.36 -1.49
N ALA K 21 11.80 -0.69 -2.57
CA ALA K 21 12.23 0.33 -3.51
C ALA K 21 11.03 0.99 -4.20
N LEU K 22 10.02 0.19 -4.56
CA LEU K 22 8.85 0.76 -5.21
C LEU K 22 8.09 1.70 -4.28
N GLY K 23 7.97 1.30 -3.00
CA GLY K 23 7.30 2.16 -2.04
C GLY K 23 8.03 3.48 -1.82
N THR K 24 9.35 3.41 -1.66
CA THR K 24 10.07 4.67 -1.48
C THR K 24 10.06 5.50 -2.76
N GLY K 25 9.93 4.85 -3.93
CA GLY K 25 9.83 5.60 -5.17
C GLY K 25 8.54 6.40 -5.26
N VAL K 26 7.42 5.76 -4.93
CA VAL K 26 6.14 6.48 -5.01
C VAL K 26 6.09 7.57 -3.93
N ALA K 27 6.82 7.37 -2.82
CA ALA K 27 6.97 8.45 -1.85
C ALA K 27 7.74 9.63 -2.44
N GLN K 28 8.99 9.39 -2.86
CA GLN K 28 9.86 10.48 -3.29
C GLN K 28 9.35 11.17 -4.54
N ALA K 29 8.46 10.54 -5.31
CA ALA K 29 7.86 11.23 -6.45
C ALA K 29 7.16 12.52 -6.01
N ARG K 30 6.13 12.39 -5.17
CA ARG K 30 5.42 13.57 -4.69
C ARG K 30 6.31 14.45 -3.83
N ILE K 31 7.18 13.84 -3.01
CA ILE K 31 8.05 14.63 -2.13
C ILE K 31 8.93 15.56 -2.95
N GLY K 32 9.63 15.00 -3.94
CA GLY K 32 10.54 15.81 -4.71
C GLY K 32 9.83 16.76 -5.66
N ALA K 33 8.62 16.41 -6.09
CA ALA K 33 7.85 17.34 -6.92
C ALA K 33 7.52 18.60 -6.15
N ALA K 34 6.99 18.45 -4.93
CA ALA K 34 6.74 19.61 -4.10
C ALA K 34 8.04 20.35 -3.78
N GLY K 35 9.12 19.60 -3.56
CA GLY K 35 10.39 20.23 -3.24
C GLY K 35 10.94 21.08 -4.37
N VAL K 36 10.91 20.57 -5.60
CA VAL K 36 11.44 21.35 -6.72
C VAL K 36 10.54 22.53 -7.02
N GLY K 37 9.23 22.39 -6.83
CA GLY K 37 8.37 23.57 -6.97
C GLY K 37 8.73 24.67 -5.97
N ALA K 38 8.89 24.29 -4.71
CA ALA K 38 9.27 25.27 -3.68
C ALA K 38 10.65 25.86 -3.95
N ILE K 39 11.57 25.06 -4.50
CA ILE K 39 12.91 25.56 -4.80
C ILE K 39 12.87 26.55 -5.95
N ALA K 40 12.11 26.22 -7.01
CA ALA K 40 12.00 27.11 -8.15
C ALA K 40 11.34 28.43 -7.76
N GLU K 41 10.49 28.41 -6.73
CA GLU K 41 9.86 29.67 -6.34
C GLU K 41 10.73 30.43 -5.33
N ASP K 42 11.50 29.71 -4.49
CA ASP K 42 12.19 30.39 -3.39
C ASP K 42 13.70 30.54 -3.64
N ARG K 43 14.40 29.42 -3.83
CA ARG K 43 15.87 29.33 -3.84
C ARG K 43 16.36 29.67 -2.42
N SER K 44 15.50 29.49 -1.42
CA SER K 44 15.94 29.57 -0.04
C SER K 44 15.48 28.38 0.79
N ASN K 45 14.53 27.60 0.27
CA ASN K 45 14.02 26.44 1.00
C ASN K 45 14.86 25.19 0.78
N PHE K 46 16.14 25.35 0.41
CA PHE K 46 16.94 24.22 -0.05
C PHE K 46 17.14 23.18 1.05
N GLY K 47 17.48 23.63 2.26
CA GLY K 47 17.72 22.68 3.34
C GLY K 47 16.48 21.91 3.72
N THR K 48 15.35 22.61 3.84
CA THR K 48 14.09 21.95 4.17
C THR K 48 13.70 20.96 3.09
N ALA K 49 13.86 21.34 1.83
CA ALA K 49 13.56 20.44 0.73
C ALA K 49 14.44 19.19 0.75
N LEU K 50 15.74 19.37 0.97
CA LEU K 50 16.63 18.21 0.92
C LEU K 50 16.37 17.27 2.10
N ILE K 51 16.12 17.81 3.29
CA ILE K 51 15.84 16.92 4.43
C ILE K 51 14.51 16.21 4.24
N PHE K 52 13.50 16.91 3.69
CA PHE K 52 12.22 16.27 3.42
C PHE K 52 12.37 15.16 2.39
N LEU K 53 13.33 15.31 1.47
CA LEU K 53 13.54 14.27 0.47
C LEU K 53 14.44 13.15 1.00
N LEU K 54 15.30 13.43 1.98
CA LEU K 54 16.18 12.37 2.48
C LEU K 54 15.59 11.68 3.71
N LEU K 55 14.37 12.05 4.11
CA LEU K 55 13.66 11.22 5.07
C LEU K 55 13.25 9.84 4.55
N PRO K 56 12.56 9.69 3.40
CA PRO K 56 11.81 8.44 3.15
C PRO K 56 12.60 7.27 2.58
N GLU K 57 13.93 7.19 2.67
CA GLU K 57 14.59 5.96 2.20
C GLU K 57 14.71 4.91 3.31
N THR K 58 14.13 5.18 4.49
CA THR K 58 14.15 4.20 5.58
C THR K 58 13.61 2.85 5.12
N LEU K 59 12.69 2.87 4.15
CA LEU K 59 12.24 1.62 3.52
C LEU K 59 13.39 0.89 2.86
N VAL K 60 14.27 1.61 2.14
CA VAL K 60 15.34 0.87 1.46
C VAL K 60 16.37 0.37 2.46
N ILE K 61 16.71 1.13 3.51
CA ILE K 61 17.65 0.54 4.47
C ILE K 61 17.06 -0.66 5.18
N PHE K 62 15.78 -0.60 5.58
CA PHE K 62 15.17 -1.81 6.16
C PHE K 62 15.14 -2.98 5.17
N GLY K 63 14.92 -2.69 3.89
CA GLY K 63 15.00 -3.74 2.89
C GLY K 63 16.39 -4.36 2.81
N LEU K 64 17.42 -3.53 2.90
CA LEU K 64 18.79 -4.07 2.91
C LEU K 64 19.08 -4.84 4.19
N LEU K 65 18.53 -4.43 5.33
CA LEU K 65 18.68 -5.24 6.54
C LEU K 65 18.06 -6.62 6.37
N ILE K 66 16.86 -6.69 5.79
CA ILE K 66 16.22 -8.00 5.63
C ILE K 66 16.99 -8.84 4.61
N ALA K 67 17.47 -8.20 3.53
CA ALA K 67 18.26 -8.91 2.54
C ALA K 67 19.54 -9.45 3.16
N PHE K 68 20.14 -8.67 4.06
CA PHE K 68 21.41 -9.07 4.65
C PHE K 68 21.24 -10.16 5.70
N ILE K 69 20.13 -10.16 6.46
CA ILE K 69 19.95 -11.22 7.45
C ILE K 69 19.67 -12.55 6.75
N LEU K 70 18.82 -12.54 5.71
CA LEU K 70 18.70 -13.79 4.94
C LEU K 70 19.98 -14.12 4.17
N ASN K 71 20.82 -13.13 3.86
CA ASN K 71 22.10 -13.44 3.22
C ASN K 71 23.03 -14.15 4.17
N GLY K 72 23.09 -13.70 5.43
CA GLY K 72 23.83 -14.42 6.44
C GLY K 72 23.26 -15.80 6.72
N ARG K 73 21.94 -15.94 6.61
CA ARG K 73 21.33 -17.25 6.79
C ARG K 73 21.56 -18.15 5.58
N LEU K 74 21.86 -17.57 4.43
CA LEU K 74 22.10 -18.34 3.21
C LEU K 74 23.39 -19.14 3.31
N GLY L 2 15.43 -33.44 3.90
CA GLY L 2 14.79 -32.36 4.62
C GLY L 2 13.86 -31.54 3.75
N GLY L 3 12.88 -30.89 4.37
CA GLY L 3 11.93 -30.08 3.65
C GLY L 3 12.51 -28.74 3.24
N LEU L 4 11.76 -28.05 2.37
CA LEU L 4 12.15 -26.74 1.86
C LEU L 4 11.41 -25.61 2.58
N ASP L 5 11.15 -25.76 3.87
CA ASP L 5 10.34 -24.78 4.60
C ASP L 5 11.09 -23.48 4.81
N ARG L 6 12.43 -23.52 4.83
CA ARG L 6 13.21 -22.33 5.18
C ARG L 6 13.06 -21.24 4.12
N GLY L 7 13.19 -21.61 2.84
CA GLY L 7 12.97 -20.64 1.78
C GLY L 7 11.55 -20.12 1.73
N LEU L 8 10.58 -20.95 2.13
CA LEU L 8 9.19 -20.52 2.06
C LEU L 8 8.86 -19.53 3.17
N ILE L 9 9.39 -19.77 4.38
CA ILE L 9 9.22 -18.75 5.42
C ILE L 9 10.03 -17.50 5.08
N ALA L 10 11.14 -17.64 4.34
CA ALA L 10 11.86 -16.47 3.87
C ALA L 10 11.01 -15.64 2.92
N VAL L 11 10.30 -16.31 2.01
CA VAL L 11 9.36 -15.64 1.12
C VAL L 11 8.29 -14.93 1.95
N GLY L 12 7.82 -15.58 3.01
CA GLY L 12 6.80 -14.95 3.86
C GLY L 12 7.28 -13.67 4.51
N MET L 13 8.48 -13.70 5.13
CA MET L 13 8.97 -12.50 5.80
C MET L 13 9.19 -11.38 4.80
N GLY L 14 9.79 -11.71 3.64
CA GLY L 14 10.05 -10.69 2.64
C GLY L 14 8.79 -10.05 2.11
N LEU L 15 7.75 -10.87 1.86
CA LEU L 15 6.47 -10.34 1.42
C LEU L 15 5.89 -9.39 2.45
N ALA L 16 5.94 -9.78 3.73
CA ALA L 16 5.40 -8.94 4.79
C ALA L 16 6.09 -7.58 4.85
N VAL L 17 7.43 -7.58 4.92
CA VAL L 17 8.14 -6.32 5.10
C VAL L 17 7.97 -5.45 3.86
N GLY L 18 7.98 -6.07 2.68
CA GLY L 18 7.85 -5.29 1.46
C GLY L 18 6.51 -4.61 1.32
N LEU L 19 5.43 -5.31 1.65
CA LEU L 19 4.11 -4.67 1.55
C LEU L 19 3.93 -3.61 2.63
N ALA L 20 4.50 -3.81 3.82
CA ALA L 20 4.48 -2.74 4.81
C ALA L 20 5.20 -1.50 4.31
N ALA L 21 6.35 -1.70 3.67
CA ALA L 21 7.09 -0.59 3.09
C ALA L 21 6.27 0.14 2.03
N LEU L 22 5.58 -0.64 1.19
CA LEU L 22 4.70 -0.04 0.18
C LEU L 22 3.63 0.83 0.82
N GLY L 23 2.96 0.31 1.85
CA GLY L 23 1.88 1.06 2.47
C GLY L 23 2.35 2.38 3.06
N THR L 24 3.46 2.34 3.80
CA THR L 24 3.95 3.59 4.37
C THR L 24 4.51 4.52 3.30
N GLY L 25 4.99 3.98 2.17
CA GLY L 25 5.39 4.85 1.08
C GLY L 25 4.22 5.63 0.50
N VAL L 26 3.10 4.94 0.26
CA VAL L 26 1.91 5.63 -0.25
C VAL L 26 1.41 6.67 0.75
N ALA L 27 1.50 6.36 2.05
CA ALA L 27 1.11 7.35 3.05
C ALA L 27 2.04 8.57 3.00
N GLN L 28 3.35 8.32 3.09
CA GLN L 28 4.33 9.38 3.23
C GLN L 28 4.36 10.29 2.02
N ALA L 29 4.01 9.76 0.84
CA ALA L 29 3.97 10.59 -0.36
C ALA L 29 3.07 11.80 -0.18
N ARG L 30 1.78 11.57 0.07
CA ARG L 30 0.85 12.67 0.22
C ARG L 30 1.11 13.46 1.49
N ILE L 31 1.54 12.78 2.57
CA ILE L 31 1.80 13.51 3.82
C ILE L 31 2.91 14.54 3.62
N GLY L 32 4.04 14.12 3.04
CA GLY L 32 5.14 15.03 2.84
C GLY L 32 4.87 16.06 1.76
N ALA L 33 4.06 15.71 0.74
CA ALA L 33 3.69 16.70 -0.25
C ALA L 33 2.90 17.85 0.37
N ALA L 34 1.88 17.53 1.17
CA ALA L 34 1.12 18.58 1.83
C ALA L 34 1.97 19.32 2.87
N GLY L 35 2.90 18.60 3.52
CA GLY L 35 3.79 19.26 4.47
C GLY L 35 4.69 20.29 3.82
N VAL L 36 5.29 19.94 2.67
CA VAL L 36 6.12 20.89 1.95
C VAL L 36 5.28 22.06 1.45
N GLY L 37 4.06 21.78 0.97
CA GLY L 37 3.18 22.86 0.54
C GLY L 37 2.86 23.83 1.66
N ALA L 38 2.69 23.31 2.88
CA ALA L 38 2.46 24.19 4.02
C ALA L 38 3.74 24.94 4.41
N ILE L 39 4.89 24.29 4.28
CA ILE L 39 6.16 24.89 4.68
C ILE L 39 6.49 26.07 3.78
N ALA L 40 6.24 25.94 2.47
CA ALA L 40 6.68 26.95 1.52
C ALA L 40 6.03 28.31 1.75
N GLU L 41 4.90 28.34 2.47
CA GLU L 41 4.25 29.62 2.73
C GLU L 41 4.68 30.20 4.08
N ASP L 42 4.97 29.34 5.06
CA ASP L 42 5.34 29.82 6.39
C ASP L 42 6.31 28.79 6.96
N ARG L 43 7.42 29.27 7.52
CA ARG L 43 8.42 28.37 8.10
C ARG L 43 8.14 28.01 9.55
N SER L 44 7.12 28.62 10.17
CA SER L 44 6.84 28.33 11.57
C SER L 44 6.13 27.00 11.73
N ASN L 45 5.62 26.43 10.63
CA ASN L 45 4.92 25.15 10.68
C ASN L 45 5.86 23.96 10.53
N PHE L 46 7.13 24.13 10.89
CA PHE L 46 8.13 23.08 10.70
C PHE L 46 7.83 21.87 11.57
N GLY L 47 7.64 22.09 12.87
CA GLY L 47 7.51 20.97 13.79
C GLY L 47 6.31 20.09 13.50
N THR L 48 5.14 20.70 13.28
CA THR L 48 3.93 19.94 13.02
C THR L 48 4.07 19.11 11.75
N ALA L 49 4.69 19.68 10.72
CA ALA L 49 4.91 18.95 9.48
C ALA L 49 5.79 17.74 9.71
N LEU L 50 6.88 17.89 10.47
CA LEU L 50 7.72 16.72 10.73
C LEU L 50 7.05 15.66 11.59
N ILE L 51 6.28 16.05 12.61
CA ILE L 51 5.54 15.02 13.37
C ILE L 51 4.56 14.30 12.46
N PHE L 52 3.81 15.05 11.66
CA PHE L 52 2.79 14.42 10.81
C PHE L 52 3.41 13.51 9.76
N LEU L 53 4.62 13.85 9.30
CA LEU L 53 5.32 12.96 8.38
C LEU L 53 5.88 11.75 9.11
N LEU L 54 6.22 11.90 10.39
CA LEU L 54 6.89 10.81 11.08
C LEU L 54 5.92 9.94 11.87
N LEU L 55 4.62 10.20 11.80
CA LEU L 55 3.64 9.23 12.30
C LEU L 55 3.64 7.88 11.58
N PRO L 56 3.53 7.78 10.23
CA PRO L 56 3.12 6.50 9.63
C PRO L 56 4.18 5.40 9.56
N GLU L 57 5.28 5.50 10.31
CA GLU L 57 6.29 4.44 10.30
C GLU L 57 5.77 3.14 10.90
N THR L 58 4.70 3.23 11.70
CA THR L 58 4.25 2.10 12.52
C THR L 58 4.04 0.84 11.71
N LEU L 59 3.52 0.97 10.48
CA LEU L 59 3.21 -0.22 9.68
C LEU L 59 4.47 -1.00 9.31
N VAL L 60 5.54 -0.30 8.93
CA VAL L 60 6.77 -1.05 8.66
C VAL L 60 7.36 -1.58 9.95
N ILE L 61 7.12 -0.89 11.09
CA ILE L 61 7.63 -1.46 12.34
C ILE L 61 6.95 -2.79 12.65
N PHE L 62 5.62 -2.88 12.51
CA PHE L 62 5.00 -4.20 12.72
C PHE L 62 5.36 -5.18 11.61
N GLY L 63 5.64 -4.70 10.40
CA GLY L 63 6.09 -5.61 9.35
C GLY L 63 7.41 -6.28 9.70
N LEU L 64 8.39 -5.49 10.17
CA LEU L 64 9.62 -6.09 10.66
C LEU L 64 9.38 -6.94 11.90
N LEU L 65 8.43 -6.56 12.75
CA LEU L 65 8.13 -7.38 13.92
C LEU L 65 7.70 -8.78 13.50
N ILE L 66 6.83 -8.85 12.49
CA ILE L 66 6.46 -10.12 11.89
C ILE L 66 7.69 -10.82 11.32
N ALA L 67 8.59 -10.04 10.71
CA ALA L 67 9.79 -10.63 10.12
C ALA L 67 10.64 -11.33 11.16
N PHE L 68 10.91 -10.70 12.32
CA PHE L 68 11.77 -11.40 13.29
C PHE L 68 11.02 -12.48 14.05
N ILE L 69 9.70 -12.37 14.27
CA ILE L 69 9.04 -13.46 14.98
C ILE L 69 9.00 -14.71 14.11
N LEU L 70 8.93 -14.52 12.78
CA LEU L 70 9.07 -15.66 11.88
C LEU L 70 10.55 -16.08 11.75
N ASN L 71 11.47 -15.13 11.91
CA ASN L 71 12.89 -15.44 11.87
C ASN L 71 13.30 -16.30 13.05
N GLY L 72 12.57 -16.21 14.16
CA GLY L 72 12.87 -17.05 15.32
C GLY L 72 12.66 -18.52 15.07
N ARG L 73 11.96 -18.87 13.98
CA ARG L 73 11.71 -20.27 13.67
C ARG L 73 12.95 -20.97 13.14
N LEU L 74 13.98 -20.21 12.76
CA LEU L 74 15.19 -20.78 12.19
C LEU L 74 15.96 -21.60 13.24
N GLY M 2 4.94 -30.58 10.63
CA GLY M 2 6.02 -30.75 9.67
C GLY M 2 6.66 -29.44 9.25
N GLY M 3 7.18 -29.42 8.03
CA GLY M 3 7.82 -28.20 7.54
C GLY M 3 6.97 -27.46 6.53
N LEU M 4 6.32 -28.19 5.63
CA LEU M 4 5.53 -27.57 4.56
C LEU M 4 4.38 -26.74 5.13
N ASP M 5 3.66 -27.31 6.11
CA ASP M 5 2.59 -26.56 6.77
C ASP M 5 3.13 -25.33 7.47
N ARG M 6 4.27 -25.46 8.17
CA ARG M 6 4.86 -24.32 8.86
C ARG M 6 5.19 -23.20 7.89
N GLY M 7 5.84 -23.53 6.77
CA GLY M 7 6.19 -22.52 5.79
C GLY M 7 4.97 -21.86 5.17
N LEU M 8 3.94 -22.64 4.85
CA LEU M 8 2.82 -22.06 4.14
C LEU M 8 1.93 -21.25 5.08
N ILE M 9 1.80 -21.66 6.34
CA ILE M 9 1.10 -20.80 7.29
C ILE M 9 1.88 -19.52 7.54
N ALA M 10 3.23 -19.59 7.53
CA ALA M 10 4.02 -18.37 7.66
C ALA M 10 3.79 -17.43 6.48
N VAL M 11 3.67 -18.00 5.28
CA VAL M 11 3.35 -17.19 4.11
C VAL M 11 1.99 -16.50 4.30
N GLY M 12 1.00 -17.26 4.80
CA GLY M 12 -0.30 -16.66 5.07
C GLY M 12 -0.24 -15.52 6.07
N MET M 13 0.59 -15.68 7.11
CA MET M 13 0.89 -14.56 8.01
C MET M 13 1.35 -13.35 7.23
N GLY M 14 2.28 -13.59 6.29
CA GLY M 14 2.86 -12.49 5.53
C GLY M 14 1.84 -11.72 4.72
N LEU M 15 0.97 -12.43 3.99
CA LEU M 15 -0.06 -11.71 3.26
C LEU M 15 -1.01 -10.97 4.19
N ALA M 16 -1.38 -11.58 5.32
CA ALA M 16 -2.29 -10.91 6.25
C ALA M 16 -1.74 -9.56 6.70
N VAL M 17 -0.50 -9.57 7.22
CA VAL M 17 0.06 -8.32 7.74
C VAL M 17 0.32 -7.34 6.60
N GLY M 18 0.79 -7.83 5.45
CA GLY M 18 1.13 -6.93 4.37
C GLY M 18 -0.06 -6.18 3.79
N LEU M 19 -1.15 -6.89 3.52
CA LEU M 19 -2.32 -6.19 2.99
C LEU M 19 -3.01 -5.35 4.05
N ALA M 20 -2.96 -5.76 5.32
CA ALA M 20 -3.45 -4.87 6.37
C ALA M 20 -2.68 -3.55 6.39
N ALA M 21 -1.34 -3.65 6.28
CA ALA M 21 -0.51 -2.46 6.24
C ALA M 21 -0.82 -1.59 5.03
N LEU M 22 -1.04 -2.22 3.87
CA LEU M 22 -1.33 -1.46 2.66
C LEU M 22 -2.64 -0.69 2.80
N GLY M 23 -3.67 -1.34 3.34
CA GLY M 23 -4.94 -0.67 3.53
C GLY M 23 -4.85 0.49 4.52
N THR M 24 -4.14 0.27 5.62
CA THR M 24 -3.97 1.36 6.58
C THR M 24 -3.23 2.53 5.95
N GLY M 25 -2.20 2.25 5.14
CA GLY M 25 -1.45 3.31 4.53
C GLY M 25 -2.26 4.10 3.50
N VAL M 26 -3.07 3.40 2.70
CA VAL M 26 -3.84 4.11 1.68
C VAL M 26 -4.93 4.96 2.33
N ALA M 27 -5.42 4.55 3.49
CA ALA M 27 -6.26 5.48 4.26
C ALA M 27 -5.44 6.64 4.81
N GLN M 28 -4.29 6.33 5.40
CA GLN M 28 -3.43 7.28 6.11
C GLN M 28 -3.04 8.45 5.23
N ALA M 29 -2.79 8.20 3.94
CA ALA M 29 -2.32 9.24 3.04
C ALA M 29 -3.31 10.40 2.97
N ARG M 30 -4.53 10.13 2.51
CA ARG M 30 -5.51 11.20 2.37
C ARG M 30 -5.92 11.77 3.72
N ILE M 31 -6.05 10.92 4.74
CA ILE M 31 -6.45 11.41 6.06
C ILE M 31 -5.44 12.43 6.58
N GLY M 32 -4.15 12.07 6.55
CA GLY M 32 -3.12 12.96 7.02
C GLY M 32 -2.95 14.20 6.19
N ALA M 33 -3.13 14.09 4.86
CA ALA M 33 -3.03 15.27 4.01
C ALA M 33 -4.10 16.30 4.37
N ALA M 34 -5.35 15.85 4.49
CA ALA M 34 -6.40 16.78 4.93
C ALA M 34 -6.12 17.32 6.32
N GLY M 35 -5.55 16.48 7.20
CA GLY M 35 -5.25 16.92 8.55
C GLY M 35 -4.21 18.03 8.59
N VAL M 36 -3.12 17.86 7.84
CA VAL M 36 -2.06 18.88 7.90
C VAL M 36 -2.53 20.16 7.22
N GLY M 37 -3.35 20.04 6.16
CA GLY M 37 -3.94 21.24 5.60
C GLY M 37 -4.78 22.02 6.59
N ALA M 38 -5.65 21.31 7.31
CA ALA M 38 -6.49 21.96 8.32
C ALA M 38 -5.66 22.56 9.44
N ILE M 39 -4.60 21.87 9.87
CA ILE M 39 -3.75 22.37 10.95
C ILE M 39 -3.02 23.63 10.49
N ALA M 40 -2.46 23.62 9.28
CA ALA M 40 -1.71 24.77 8.80
C ALA M 40 -2.61 25.98 8.63
N GLU M 41 -3.86 25.77 8.23
CA GLU M 41 -4.75 26.92 8.08
C GLU M 41 -5.35 27.34 9.42
N ASP M 42 -5.35 26.45 10.41
CA ASP M 42 -6.12 26.74 11.63
C ASP M 42 -5.24 26.79 12.88
N ARG M 43 -4.37 25.79 13.07
CA ARG M 43 -3.52 25.63 14.25
C ARG M 43 -4.29 25.50 15.55
N SER M 44 -5.57 25.13 15.47
CA SER M 44 -6.35 24.78 16.66
C SER M 44 -7.14 23.50 16.48
N ASN M 45 -7.14 22.93 15.28
CA ASN M 45 -7.87 21.69 15.01
C ASN M 45 -7.06 20.46 15.40
N PHE M 46 -6.05 20.63 16.26
CA PHE M 46 -5.03 19.61 16.47
C PHE M 46 -5.63 18.33 17.04
N GLY M 47 -6.49 18.45 18.05
CA GLY M 47 -7.06 17.26 18.67
C GLY M 47 -7.93 16.46 17.72
N THR M 48 -8.83 17.14 17.01
CA THR M 48 -9.73 16.47 16.09
C THR M 48 -8.95 15.84 14.93
N ALA M 49 -7.97 16.57 14.40
CA ALA M 49 -7.12 16.02 13.35
C ALA M 49 -6.37 14.79 13.84
N LEU M 50 -5.92 14.81 15.09
CA LEU M 50 -5.18 13.68 15.62
C LEU M 50 -6.07 12.45 15.80
N ILE M 51 -7.29 12.61 16.33
CA ILE M 51 -8.12 11.43 16.54
C ILE M 51 -8.59 10.87 15.21
N PHE M 52 -8.87 11.75 14.24
CA PHE M 52 -9.24 11.26 12.92
C PHE M 52 -8.05 10.61 12.21
N LEU M 53 -6.85 11.10 12.48
CA LEU M 53 -5.67 10.61 11.79
C LEU M 53 -5.24 9.24 12.33
N LEU M 54 -5.27 9.09 13.65
CA LEU M 54 -4.67 7.91 14.27
C LEU M 54 -5.65 6.75 14.37
N LEU M 55 -6.91 6.99 14.02
CA LEU M 55 -7.97 5.98 14.14
C LEU M 55 -7.76 4.72 13.30
N PRO M 56 -7.47 4.77 12.00
CA PRO M 56 -7.60 3.55 11.18
C PRO M 56 -6.50 2.52 11.38
N GLU M 57 -5.67 2.62 12.43
CA GLU M 57 -4.66 1.60 12.68
C GLU M 57 -5.27 0.28 13.08
N THR M 58 -6.58 0.27 13.40
CA THR M 58 -7.27 -0.92 13.86
C THR M 58 -7.10 -2.09 12.90
N LEU M 59 -7.05 -1.81 11.60
CA LEU M 59 -6.85 -2.85 10.60
C LEU M 59 -5.51 -3.55 10.80
N VAL M 60 -4.45 -2.76 11.05
CA VAL M 60 -3.15 -3.35 11.36
C VAL M 60 -3.21 -4.13 12.67
N ILE M 61 -4.00 -3.65 13.64
CA ILE M 61 -4.13 -4.43 14.88
C ILE M 61 -4.78 -5.78 14.64
N PHE M 62 -5.85 -5.85 13.84
CA PHE M 62 -6.42 -7.18 13.59
C PHE M 62 -5.51 -8.02 12.71
N GLY M 63 -4.72 -7.40 11.84
CA GLY M 63 -3.74 -8.16 11.08
C GLY M 63 -2.69 -8.80 11.97
N LEU M 64 -2.21 -8.03 12.96
CA LEU M 64 -1.28 -8.60 13.94
C LEU M 64 -1.97 -9.69 14.74
N LEU M 65 -3.25 -9.50 15.05
CA LEU M 65 -3.99 -10.51 15.81
C LEU M 65 -4.09 -11.83 15.06
N ILE M 66 -4.45 -11.77 13.77
CA ILE M 66 -4.63 -13.00 13.02
C ILE M 66 -3.27 -13.68 12.78
N ALA M 67 -2.23 -12.87 12.56
CA ALA M 67 -0.88 -13.42 12.47
C ALA M 67 -0.46 -14.08 13.78
N PHE M 68 -0.87 -13.51 14.92
CA PHE M 68 -0.42 -14.05 16.20
C PHE M 68 -1.15 -15.35 16.53
N ILE M 69 -2.45 -15.44 16.21
CA ILE M 69 -3.14 -16.71 16.47
C ILE M 69 -2.61 -17.78 15.52
N LEU M 70 -2.23 -17.39 14.29
CA LEU M 70 -1.52 -18.31 13.42
C LEU M 70 -0.21 -18.77 14.03
N ASN M 71 0.54 -17.86 14.66
CA ASN M 71 1.79 -18.24 15.31
C ASN M 71 1.54 -19.20 16.47
N GLY M 72 0.47 -18.95 17.23
CA GLY M 72 0.15 -19.84 18.34
C GLY M 72 -0.39 -21.18 17.89
N ARG M 73 -0.88 -21.25 16.65
CA ARG M 73 -1.34 -22.53 16.11
C ARG M 73 -0.19 -23.52 15.92
N LEU M 74 1.05 -23.03 15.85
CA LEU M 74 2.21 -23.91 15.75
C LEU M 74 2.40 -24.72 17.02
#